data_2X6J
#
_entry.id   2X6J
#
_cell.length_a   109.950
_cell.length_b   156.330
_cell.length_c   242.910
_cell.angle_alpha   90.00
_cell.angle_beta   90.00
_cell.angle_gamma   90.00
#
_symmetry.space_group_name_H-M   'I 21 21 21'
#
loop_
_entity.id
_entity.type
_entity.pdbx_description
1 polymer 'PHOSPHOTIDYLINOSITOL 3 KINASE 59F'
2 non-polymer 'N-(5-(4-CHLORO-3-(2-HYDROXY-ETHYLSULFAMOYL)- PHENYLTHIAZOLE-2-YL)-ACETAMIDE'
#
_entity_poly.entity_id   1
_entity_poly.type   'polypeptide(L)'
_entity_poly.pdbx_seq_one_letter_code
;GSHMDSEIQMENLVERKHHRLARSERSGISDRDAKPTASIRDQLHTIVYRYPPTYVLSSEEQDLVWKFRFYLSSHKKALT
KFLKCINWKLEDEVTQALWMLANWAPMDVEDALELLSPTFTHPQVRKYAVSRLAQAPDEDLLLYLLQLVQALKYEDPRHI
VHLHGCIFPERDVVRSILDDNGSLLDQSSLSDLSATSSGLHASVIPANQRAASVLAAIKSDKSVSPGSAGGSGSGGQGSV
ALPNPSAPATPGSSSLPCDSNSNALMLAEGISFGSVPANLCTFLIQRACTNATLANYFYWYLSIEVEEVESVRKQDERAH
DMYAMVLKMFLKVLENGNFNLRGIFYNLRKQRRFIDELVKLVKLVAKEPGNRNKKTEKFQKLLAEQDMFKVNFTNFEPIP
FPLDPEIYITKIVPMRTSLFKSALMPAKLTFVTSIAHHEYAAIFKHGDDLRQDQLILQMITLMDKLLRRENLDLKLTPYK
VLATSSKHGFLQYVDSCTVAEVLAREGNIHNFFRKHHPCDNGPYGISAEVMDTYIKSCAGYCVITYLLGVGDRHLDNLLL
TTNGKLFHIDFGYILGRDPKPMPPPMKLSKEMVEAMGGISSEHHHEFRKQCYTAYLHLRRHANVMLNLFSLMVDATVPDI
ALEPDKAVKKVEENLQLGLTDEEAVQHLQSLLDVSITAVMPALVEQIHRFTQYWRK
;
_entity_poly.pdbx_strand_id   A,B
#
# COMPACT_ATOMS: atom_id res chain seq x y z
N ALA A 38 3.12 2.10 37.90
CA ALA A 38 3.77 2.00 36.56
C ALA A 38 3.06 2.85 35.51
N SER A 39 3.66 2.93 34.33
CA SER A 39 3.09 3.62 33.18
C SER A 39 2.69 2.61 32.12
N ILE A 40 3.44 1.49 32.03
CA ILE A 40 3.20 0.45 31.02
C ILE A 40 1.78 -0.05 31.26
N ARG A 41 1.43 -0.15 32.54
CA ARG A 41 0.14 -0.69 33.01
C ARG A 41 -1.01 0.10 32.42
N ASP A 42 -0.80 1.41 32.30
CA ASP A 42 -1.82 2.34 31.88
C ASP A 42 -2.12 2.04 30.41
N GLN A 43 -1.10 1.62 29.69
CA GLN A 43 -1.18 1.44 28.23
C GLN A 43 -1.81 0.10 27.87
N LEU A 44 -1.58 -0.94 28.69
CA LEU A 44 -2.10 -2.26 28.35
C LEU A 44 -3.57 -2.14 28.58
N HIS A 45 -3.93 -1.32 29.56
CA HIS A 45 -5.31 -1.10 29.93
C HIS A 45 -5.94 -0.35 28.76
N THR A 46 -5.22 0.59 28.13
CA THR A 46 -5.78 1.48 27.08
C THR A 46 -6.24 0.64 25.90
N ILE A 47 -5.47 -0.40 25.61
CA ILE A 47 -5.72 -1.32 24.51
C ILE A 47 -7.04 -2.03 24.83
N VAL A 48 -7.32 -2.25 26.11
CA VAL A 48 -8.39 -3.13 26.55
C VAL A 48 -9.70 -2.36 26.66
N TYR A 49 -9.67 -1.10 27.07
CA TYR A 49 -10.92 -0.36 27.35
C TYR A 49 -11.38 0.45 26.16
N ARG A 50 -10.49 0.62 25.19
CA ARG A 50 -10.62 1.67 24.20
C ARG A 50 -10.30 1.06 22.81
N TYR A 51 -10.49 -0.25 22.66
CA TYR A 51 -10.24 -0.94 21.39
C TYR A 51 -11.38 -1.82 20.80
N PRO A 52 -11.69 -2.98 21.40
CA PRO A 52 -12.77 -3.77 20.81
C PRO A 52 -13.91 -4.11 21.78
N PRO A 53 -15.18 -3.98 21.33
CA PRO A 53 -16.37 -4.16 22.18
C PRO A 53 -16.97 -5.57 22.22
N THR A 54 -16.81 -6.34 21.14
CA THR A 54 -17.39 -7.68 21.05
C THR A 54 -16.52 -8.70 21.78
N TYR A 55 -15.24 -8.39 21.89
CA TYR A 55 -14.28 -9.25 22.54
C TYR A 55 -14.78 -9.66 23.91
N VAL A 56 -14.97 -10.96 24.08
CA VAL A 56 -15.06 -11.55 25.41
C VAL A 56 -13.60 -11.67 25.87
N LEU A 57 -12.69 -11.29 24.97
CA LEU A 57 -11.23 -11.46 25.11
C LEU A 57 -10.70 -11.26 26.53
N SER A 58 -11.00 -10.11 27.14
CA SER A 58 -10.54 -9.81 28.50
C SER A 58 -10.82 -11.02 29.41
N SER A 59 -9.81 -11.50 30.14
CA SER A 59 -9.89 -12.82 30.78
C SER A 59 -9.65 -12.91 32.29
N GLU A 60 -8.62 -12.23 32.75
CA GLU A 60 -8.15 -12.26 34.14
C GLU A 60 -7.65 -10.87 34.35
N GLU A 61 -7.10 -10.31 33.28
CA GLU A 61 -6.71 -8.92 33.18
C GLU A 61 -7.86 -8.12 33.79
N GLN A 62 -9.08 -8.63 33.57
CA GLN A 62 -10.30 -8.03 34.09
C GLN A 62 -10.20 -7.85 35.60
N ASP A 63 -9.60 -8.82 36.27
CA ASP A 63 -9.48 -8.82 37.74
C ASP A 63 -8.53 -7.68 38.05
N LEU A 64 -7.54 -7.49 37.18
CA LEU A 64 -6.50 -6.47 37.32
C LEU A 64 -7.19 -5.11 37.13
N VAL A 65 -8.15 -5.09 36.23
CA VAL A 65 -8.87 -3.87 35.84
C VAL A 65 -9.60 -3.40 37.10
N TRP A 66 -10.04 -4.38 37.87
CA TRP A 66 -10.90 -4.18 39.00
C TRP A 66 -10.24 -3.23 39.98
N LYS A 67 -8.92 -3.34 40.14
CA LYS A 67 -8.23 -2.67 41.24
C LYS A 67 -8.14 -1.17 40.96
N PHE A 68 -8.07 -0.82 39.68
CA PHE A 68 -7.81 0.54 39.23
C PHE A 68 -9.19 1.14 39.11
N ARG A 69 -10.12 0.25 38.83
CA ARG A 69 -11.52 0.54 38.64
C ARG A 69 -12.05 1.40 39.79
N PHE A 70 -11.62 1.11 41.02
CA PHE A 70 -12.10 1.76 42.25
C PHE A 70 -11.51 3.15 42.31
N TYR A 71 -10.29 3.29 41.80
CA TYR A 71 -9.48 4.49 41.99
C TYR A 71 -9.80 5.40 40.82
N LEU A 72 -9.72 4.84 39.62
CA LEU A 72 -10.06 5.57 38.41
C LEU A 72 -10.91 4.74 37.47
N SER A 73 -12.10 5.27 37.22
CA SER A 73 -12.89 4.86 36.09
C SER A 73 -12.65 5.99 35.11
N SER A 74 -11.54 5.90 34.37
CA SER A 74 -11.17 6.92 33.40
C SER A 74 -12.41 7.38 32.67
N HIS A 75 -13.05 6.44 31.98
CA HIS A 75 -14.17 6.80 31.13
C HIS A 75 -15.30 5.82 30.95
N LYS A 76 -16.32 6.34 30.29
CA LYS A 76 -17.52 5.66 29.84
C LYS A 76 -17.21 4.38 29.08
N LYS A 77 -16.17 4.42 28.26
CA LYS A 77 -15.82 3.28 27.40
C LYS A 77 -15.45 2.19 28.36
N ALA A 78 -14.84 2.58 29.47
CA ALA A 78 -14.29 1.66 30.44
C ALA A 78 -15.46 1.00 31.15
N LEU A 79 -16.55 1.74 31.39
CA LEU A 79 -17.67 1.24 32.19
C LEU A 79 -18.24 0.04 31.46
N THR A 80 -18.31 0.11 30.14
CA THR A 80 -18.97 -0.92 29.34
C THR A 80 -18.16 -2.18 29.49
N LYS A 81 -16.85 -2.01 29.61
CA LYS A 81 -15.89 -3.12 29.60
C LYS A 81 -15.96 -3.76 30.96
N PHE A 82 -16.14 -2.94 32.00
CA PHE A 82 -16.07 -3.42 33.37
C PHE A 82 -17.26 -4.33 33.57
N LEU A 83 -18.39 -3.96 32.99
CA LEU A 83 -19.66 -4.60 33.32
C LEU A 83 -19.59 -6.06 32.98
N LYS A 84 -18.72 -6.38 32.05
CA LYS A 84 -18.72 -7.67 31.38
C LYS A 84 -18.31 -8.80 32.33
N CYS A 85 -17.45 -8.49 33.30
CA CYS A 85 -16.66 -9.52 33.98
C CYS A 85 -17.27 -10.04 35.30
N ILE A 86 -18.11 -9.25 35.95
CA ILE A 86 -18.36 -9.50 37.37
C ILE A 86 -19.59 -10.37 37.66
N ASN A 87 -20.65 -10.14 36.89
CA ASN A 87 -22.04 -10.36 37.31
C ASN A 87 -22.50 -11.71 37.85
N TRP A 88 -22.34 -12.77 37.06
CA TRP A 88 -23.05 -14.02 37.33
C TRP A 88 -22.72 -14.64 38.70
N LYS A 89 -21.45 -14.61 39.10
CA LYS A 89 -21.01 -15.49 40.17
C LYS A 89 -21.47 -15.11 41.58
N LEU A 90 -21.42 -13.82 41.94
CA LEU A 90 -21.64 -13.47 43.33
C LEU A 90 -22.61 -12.31 43.55
N GLU A 91 -23.53 -12.51 44.49
CA GLU A 91 -24.55 -11.51 44.89
C GLU A 91 -23.95 -10.27 45.58
N ASP A 92 -22.88 -10.46 46.37
CA ASP A 92 -22.26 -9.37 47.16
C ASP A 92 -21.38 -8.57 46.23
N GLU A 93 -20.81 -9.25 45.24
CA GLU A 93 -19.90 -8.68 44.25
C GLU A 93 -20.76 -7.79 43.36
N VAL A 94 -22.02 -8.21 43.17
CA VAL A 94 -22.99 -7.50 42.36
C VAL A 94 -23.33 -6.20 43.08
N THR A 95 -23.43 -6.23 44.41
CA THR A 95 -23.86 -5.06 45.18
C THR A 95 -22.81 -3.98 45.00
N GLN A 96 -21.55 -4.38 44.95
CA GLN A 96 -20.46 -3.43 44.94
C GLN A 96 -20.42 -2.84 43.54
N ALA A 97 -20.74 -3.66 42.55
CA ALA A 97 -20.60 -3.29 41.16
C ALA A 97 -21.71 -2.31 40.84
N LEU A 98 -22.87 -2.50 41.48
CA LEU A 98 -24.07 -1.73 41.20
C LEU A 98 -23.81 -0.34 41.71
N TRP A 99 -23.10 -0.27 42.83
CA TRP A 99 -22.86 1.00 43.48
C TRP A 99 -21.83 1.67 42.60
N MET A 100 -20.96 0.86 42.00
CA MET A 100 -19.83 1.38 41.23
C MET A 100 -20.36 2.00 39.97
N LEU A 101 -21.42 1.41 39.43
CA LEU A 101 -22.00 1.82 38.16
C LEU A 101 -22.71 3.14 38.38
N ALA A 102 -23.34 3.29 39.54
CA ALA A 102 -24.19 4.45 39.82
C ALA A 102 -23.27 5.66 39.95
N ASN A 103 -22.09 5.42 40.51
CA ASN A 103 -21.12 6.47 40.79
C ASN A 103 -20.44 6.81 39.49
N TRP A 104 -20.17 5.78 38.70
CA TRP A 104 -19.36 5.84 37.47
C TRP A 104 -19.68 7.05 36.61
N ALA A 105 -18.63 7.60 36.00
CA ALA A 105 -18.76 8.62 34.97
C ALA A 105 -19.73 8.13 33.88
N PRO A 106 -20.70 8.98 33.47
CA PRO A 106 -21.88 8.50 32.74
C PRO A 106 -21.52 7.98 31.36
N MET A 107 -22.10 6.84 31.02
CA MET A 107 -21.79 6.15 29.79
C MET A 107 -22.36 6.89 28.58
N ASP A 108 -21.67 6.79 27.44
CA ASP A 108 -22.21 7.29 26.18
C ASP A 108 -23.28 6.34 25.64
N VAL A 109 -24.19 6.89 24.84
CA VAL A 109 -25.38 6.17 24.35
C VAL A 109 -25.10 4.81 23.67
N GLU A 110 -23.98 4.68 22.98
CA GLU A 110 -23.72 3.53 22.09
C GLU A 110 -23.53 2.34 22.99
N ASP A 111 -22.91 2.62 24.12
CA ASP A 111 -22.57 1.63 25.07
C ASP A 111 -23.92 1.21 25.64
N ALA A 112 -24.85 2.15 25.70
CA ALA A 112 -26.20 1.88 26.22
C ALA A 112 -26.80 0.76 25.39
N LEU A 113 -26.49 0.74 24.09
CA LEU A 113 -27.11 -0.22 23.16
C LEU A 113 -26.54 -1.56 23.55
N GLU A 114 -25.26 -1.58 23.87
CA GLU A 114 -24.56 -2.83 24.16
C GLU A 114 -25.22 -3.41 25.40
N LEU A 115 -25.69 -2.54 26.29
CA LEU A 115 -26.20 -2.98 27.58
C LEU A 115 -27.54 -3.62 27.29
N LEU A 116 -28.24 -3.11 26.29
CA LEU A 116 -29.62 -3.52 26.06
C LEU A 116 -29.54 -4.85 25.36
N SER A 117 -28.31 -5.21 25.01
CA SER A 117 -28.05 -6.45 24.32
C SER A 117 -28.49 -7.62 25.19
N PRO A 118 -28.69 -8.79 24.56
CA PRO A 118 -29.18 -9.99 25.20
C PRO A 118 -28.13 -10.61 26.10
N THR A 119 -26.88 -10.17 25.97
CA THR A 119 -25.79 -10.69 26.80
C THR A 119 -25.96 -10.31 28.28
N PHE A 120 -26.37 -9.08 28.57
CA PHE A 120 -26.58 -8.63 29.96
C PHE A 120 -28.01 -8.87 30.42
N THR A 121 -28.16 -9.83 31.32
CA THR A 121 -29.46 -10.23 31.83
C THR A 121 -30.05 -9.23 32.81
N HIS A 122 -29.19 -8.66 33.65
CA HIS A 122 -29.63 -7.93 34.84
C HIS A 122 -30.55 -6.74 34.57
N PRO A 123 -31.69 -6.66 35.29
CA PRO A 123 -32.66 -5.56 35.32
C PRO A 123 -32.11 -4.15 35.61
N GLN A 124 -31.10 -4.03 36.46
CA GLN A 124 -30.60 -2.72 36.91
C GLN A 124 -29.76 -2.11 35.81
N VAL A 125 -28.98 -2.95 35.14
CA VAL A 125 -28.10 -2.50 34.08
C VAL A 125 -28.99 -2.12 32.92
N ARG A 126 -30.06 -2.88 32.73
CA ARG A 126 -31.03 -2.66 31.65
C ARG A 126 -31.66 -1.29 31.93
N LYS A 127 -31.94 -0.99 33.19
CA LYS A 127 -32.61 0.24 33.57
C LYS A 127 -31.63 1.37 33.31
N TYR A 128 -30.34 1.12 33.57
CA TYR A 128 -29.34 2.16 33.46
C TYR A 128 -29.20 2.46 32.00
N ALA A 129 -29.31 1.44 31.15
CA ALA A 129 -29.09 1.58 29.72
C ALA A 129 -30.20 2.48 29.19
N VAL A 130 -31.39 2.33 29.78
CA VAL A 130 -32.61 3.02 29.35
C VAL A 130 -32.49 4.49 29.77
N SER A 131 -31.85 4.73 30.90
CA SER A 131 -31.69 6.09 31.44
C SER A 131 -30.74 6.85 30.51
N ARG A 132 -29.80 6.13 29.91
CA ARG A 132 -28.78 6.73 29.05
C ARG A 132 -29.46 7.19 27.78
N LEU A 133 -30.46 6.43 27.36
CA LEU A 133 -31.12 6.66 26.09
C LEU A 133 -31.99 7.88 26.24
N ALA A 134 -32.57 8.04 27.42
CA ALA A 134 -33.58 9.07 27.62
C ALA A 134 -32.87 10.39 27.48
N GLN A 135 -31.64 10.43 27.98
CA GLN A 135 -30.87 11.66 28.07
C GLN A 135 -30.49 12.10 26.65
N ALA A 136 -30.35 11.14 25.73
CA ALA A 136 -30.02 11.41 24.33
C ALA A 136 -31.16 12.11 23.59
N PRO A 137 -30.80 13.09 22.71
CA PRO A 137 -31.72 13.91 21.90
C PRO A 137 -32.50 13.09 20.88
N ASP A 138 -33.69 13.54 20.52
CA ASP A 138 -34.64 12.77 19.72
C ASP A 138 -34.14 12.29 18.39
N GLU A 139 -33.31 13.09 17.72
CA GLU A 139 -32.91 12.75 16.36
C GLU A 139 -31.95 11.55 16.43
N ASP A 140 -31.15 11.48 17.48
CA ASP A 140 -30.14 10.42 17.61
C ASP A 140 -30.89 9.18 18.01
N LEU A 141 -31.97 9.40 18.75
CA LEU A 141 -32.79 8.34 19.33
C LEU A 141 -33.49 7.67 18.18
N LEU A 142 -33.76 8.43 17.13
CA LEU A 142 -34.56 7.93 16.04
C LEU A 142 -33.65 7.02 15.23
N LEU A 143 -32.39 7.41 15.06
CA LEU A 143 -31.48 6.70 14.18
C LEU A 143 -31.36 5.26 14.67
N TYR A 144 -31.33 5.09 15.97
CA TYR A 144 -31.15 3.79 16.59
C TYR A 144 -32.48 3.09 16.59
N LEU A 145 -33.58 3.84 16.54
CA LEU A 145 -34.89 3.32 16.95
C LEU A 145 -35.07 1.88 16.51
N LEU A 146 -34.65 1.59 15.29
CA LEU A 146 -34.87 0.28 14.69
C LEU A 146 -34.34 -0.83 15.61
N GLN A 147 -33.22 -0.53 16.26
CA GLN A 147 -32.51 -1.50 17.05
C GLN A 147 -33.27 -1.58 18.36
N LEU A 148 -33.86 -0.47 18.76
CA LEU A 148 -34.52 -0.42 20.03
C LEU A 148 -35.69 -1.37 19.96
N VAL A 149 -36.25 -1.55 18.78
CA VAL A 149 -37.41 -2.42 18.61
C VAL A 149 -36.90 -3.86 18.73
N GLN A 150 -35.72 -4.14 18.23
CA GLN A 150 -35.16 -5.47 18.31
C GLN A 150 -34.83 -5.66 19.77
N ALA A 151 -34.42 -4.57 20.41
CA ALA A 151 -33.97 -4.63 21.78
C ALA A 151 -35.16 -5.07 22.61
N LEU A 152 -36.36 -4.71 22.16
CA LEU A 152 -37.60 -5.00 22.87
C LEU A 152 -37.71 -6.48 23.17
N LYS A 153 -37.14 -7.31 22.30
CA LYS A 153 -37.25 -8.77 22.43
C LYS A 153 -36.49 -9.23 23.65
N TYR A 154 -35.41 -8.52 23.97
CA TYR A 154 -34.50 -8.90 25.04
C TYR A 154 -34.92 -8.44 26.41
N GLU A 155 -35.65 -7.35 26.44
CA GLU A 155 -36.22 -6.86 27.67
C GLU A 155 -37.21 -7.90 28.16
N ASP A 156 -37.18 -8.15 29.46
CA ASP A 156 -37.96 -9.19 30.10
C ASP A 156 -39.46 -9.06 29.83
N PRO A 157 -40.12 -10.19 29.54
CA PRO A 157 -41.52 -10.28 29.09
C PRO A 157 -42.50 -9.88 30.16
N ARG A 158 -42.12 -10.09 31.42
CA ARG A 158 -43.01 -9.81 32.53
C ARG A 158 -43.25 -8.31 32.73
N HIS A 159 -42.24 -7.48 32.48
CA HIS A 159 -42.41 -6.01 32.46
C HIS A 159 -43.52 -5.61 31.52
N ILE A 160 -43.63 -6.33 30.40
CA ILE A 160 -44.49 -5.95 29.28
C ILE A 160 -45.89 -6.46 29.61
N VAL A 161 -45.98 -7.60 30.30
CA VAL A 161 -47.26 -8.25 30.58
C VAL A 161 -47.90 -7.40 31.66
N HIS A 162 -47.05 -6.90 32.57
CA HIS A 162 -47.49 -6.14 33.72
C HIS A 162 -48.01 -4.81 33.21
N LEU A 163 -47.31 -4.24 32.24
CA LEU A 163 -47.61 -2.89 31.77
C LEU A 163 -48.96 -3.00 31.12
N HIS A 164 -49.19 -4.12 30.46
CA HIS A 164 -50.43 -4.34 29.72
C HIS A 164 -51.51 -4.42 30.79
N GLY A 165 -51.16 -5.07 31.89
CA GLY A 165 -52.10 -5.36 32.97
C GLY A 165 -52.56 -4.03 33.53
N CYS A 166 -51.65 -3.06 33.57
CA CYS A 166 -51.89 -1.75 34.15
C CYS A 166 -52.83 -0.97 33.22
N ILE A 167 -52.71 -1.19 31.93
CA ILE A 167 -53.42 -0.32 30.98
C ILE A 167 -54.83 -0.86 30.78
N PHE A 168 -54.99 -2.18 30.91
CA PHE A 168 -56.29 -2.83 30.71
C PHE A 168 -56.89 -3.36 32.03
N PRO A 169 -58.09 -4.01 31.98
CA PRO A 169 -58.83 -4.38 33.20
C PRO A 169 -58.02 -5.25 34.18
N ALA A 278 -37.29 3.84 34.09
CA ALA A 278 -38.19 2.68 34.13
C ALA A 278 -37.87 1.62 33.02
N ASN A 279 -38.62 0.52 32.99
CA ASN A 279 -38.58 -0.41 31.85
C ASN A 279 -38.58 0.32 30.48
N LEU A 280 -37.80 -0.18 29.52
CA LEU A 280 -37.67 0.43 28.16
C LEU A 280 -38.93 0.55 27.32
N CYS A 281 -39.81 -0.45 27.33
CA CYS A 281 -40.96 -0.41 26.40
C CYS A 281 -41.85 0.74 26.85
N THR A 282 -41.92 0.99 28.16
CA THR A 282 -42.75 2.07 28.69
C THR A 282 -42.05 3.30 28.17
N PHE A 283 -40.74 3.27 28.12
CA PHE A 283 -39.93 4.42 27.77
C PHE A 283 -40.13 4.75 26.29
N LEU A 284 -40.21 3.73 25.46
CA LEU A 284 -40.26 3.92 24.02
C LEU A 284 -41.62 4.50 23.74
N ILE A 285 -42.64 4.07 24.47
CA ILE A 285 -44.00 4.51 24.20
C ILE A 285 -44.10 5.95 24.68
N GLN A 286 -43.48 6.28 25.81
CA GLN A 286 -43.61 7.61 26.38
C GLN A 286 -42.96 8.58 25.40
N ARG A 287 -41.81 8.18 24.86
CA ARG A 287 -41.04 9.04 24.00
C ARG A 287 -41.70 9.12 22.66
N ALA A 288 -42.38 8.05 22.27
CA ALA A 288 -42.93 7.94 20.92
C ALA A 288 -44.05 8.93 20.88
N CYS A 289 -44.68 9.16 22.02
CA CYS A 289 -45.89 9.98 22.16
C CYS A 289 -45.55 11.45 22.13
N THR A 290 -44.34 11.77 22.60
CA THR A 290 -43.90 13.13 22.73
C THR A 290 -43.75 13.70 21.35
N ASN A 291 -43.17 12.90 20.45
CA ASN A 291 -42.83 13.36 19.13
C ASN A 291 -43.56 12.61 18.04
N ALA A 292 -44.24 13.34 17.18
CA ALA A 292 -45.03 12.74 16.10
C ALA A 292 -44.23 11.88 15.15
N THR A 293 -43.01 12.27 14.79
CA THR A 293 -42.22 11.53 13.78
C THR A 293 -41.80 10.20 14.39
N LEU A 294 -41.47 10.23 15.68
CA LEU A 294 -41.04 9.05 16.41
C LEU A 294 -42.24 8.14 16.51
N ALA A 295 -43.42 8.73 16.71
CA ALA A 295 -44.62 7.97 16.92
C ALA A 295 -44.79 7.21 15.64
N ASN A 296 -44.42 7.85 14.55
CA ASN A 296 -44.77 7.35 13.25
C ASN A 296 -43.88 6.19 12.90
N TYR A 297 -42.61 6.23 13.26
CA TYR A 297 -41.68 5.20 12.80
C TYR A 297 -41.88 4.02 13.68
N PHE A 298 -42.23 4.32 14.92
CA PHE A 298 -42.36 3.35 15.98
C PHE A 298 -43.57 2.57 15.59
N TYR A 299 -44.58 3.25 15.06
CA TYR A 299 -45.80 2.55 14.72
C TYR A 299 -45.50 1.63 13.55
N TRP A 300 -44.70 2.10 12.61
CA TRP A 300 -44.47 1.37 11.36
C TRP A 300 -43.61 0.17 11.59
N TYR A 301 -42.71 0.26 12.57
CA TYR A 301 -41.78 -0.82 12.85
C TYR A 301 -42.55 -1.89 13.59
N LEU A 302 -43.46 -1.50 14.46
CA LEU A 302 -44.19 -2.44 15.27
C LEU A 302 -45.12 -3.19 14.33
N SER A 303 -45.71 -2.50 13.37
CA SER A 303 -46.71 -3.12 12.50
C SER A 303 -46.04 -4.12 11.56
N ILE A 304 -44.76 -3.90 11.24
CA ILE A 304 -44.06 -4.77 10.29
C ILE A 304 -43.90 -6.06 11.03
N GLU A 305 -43.74 -5.98 12.35
CA GLU A 305 -43.43 -7.15 13.18
C GLU A 305 -44.67 -7.97 13.44
N VAL A 306 -45.83 -7.31 13.44
CA VAL A 306 -47.04 -7.92 14.00
C VAL A 306 -47.73 -8.90 13.04
N GLU A 307 -47.63 -8.62 11.74
CA GLU A 307 -48.21 -9.51 10.73
C GLU A 307 -47.55 -10.90 10.75
N GLU A 308 -48.31 -11.89 10.27
CA GLU A 308 -47.90 -13.29 10.13
C GLU A 308 -46.57 -13.46 9.38
N LYS A 314 -42.88 -21.41 16.08
CA LYS A 314 -41.94 -21.55 17.20
C LYS A 314 -41.69 -20.22 17.94
N GLN A 315 -40.48 -19.68 17.81
CA GLN A 315 -40.09 -18.44 18.49
C GLN A 315 -40.79 -17.20 17.94
N ASP A 316 -41.16 -17.28 16.66
CA ASP A 316 -41.94 -16.24 16.00
C ASP A 316 -43.18 -15.95 16.82
N GLU A 317 -43.82 -17.00 17.34
CA GLU A 317 -45.02 -16.84 18.15
C GLU A 317 -44.75 -16.03 19.43
N ARG A 318 -43.61 -16.21 20.08
CA ARG A 318 -43.39 -15.60 21.40
C ARG A 318 -43.17 -14.12 21.23
N ALA A 319 -42.43 -13.76 20.20
CA ALA A 319 -42.01 -12.37 19.96
C ALA A 319 -43.19 -11.64 19.33
N HIS A 320 -43.97 -12.33 18.50
CA HIS A 320 -45.05 -11.71 17.76
C HIS A 320 -46.12 -11.35 18.78
N ASP A 321 -46.35 -12.21 19.76
CA ASP A 321 -47.46 -11.98 20.69
C ASP A 321 -47.06 -10.75 21.47
N MET A 322 -45.76 -10.62 21.71
CA MET A 322 -45.22 -9.64 22.62
C MET A 322 -45.22 -8.30 21.89
N TYR A 323 -44.88 -8.32 20.60
CA TYR A 323 -44.80 -7.08 19.83
C TYR A 323 -46.21 -6.62 19.64
N ALA A 324 -47.11 -7.58 19.50
CA ALA A 324 -48.49 -7.29 19.25
C ALA A 324 -49.00 -6.60 20.51
N MET A 325 -48.50 -7.03 21.65
CA MET A 325 -48.98 -6.54 22.93
C MET A 325 -48.56 -5.08 22.96
N VAL A 326 -47.36 -4.81 22.47
CA VAL A 326 -46.76 -3.50 22.61
C VAL A 326 -47.53 -2.52 21.76
N LEU A 327 -47.93 -2.96 20.57
CA LEU A 327 -48.52 -2.05 19.61
C LEU A 327 -49.92 -1.68 20.12
N LYS A 328 -50.60 -2.65 20.72
CA LYS A 328 -52.00 -2.48 21.10
C LYS A 328 -51.99 -1.48 22.22
N MET A 329 -50.92 -1.51 22.99
CA MET A 329 -50.80 -0.69 24.16
C MET A 329 -50.56 0.73 23.66
N PHE A 330 -49.78 0.85 22.60
CA PHE A 330 -49.32 2.14 22.07
C PHE A 330 -50.51 2.84 21.48
N LEU A 331 -51.36 2.12 20.79
CA LEU A 331 -52.50 2.72 20.11
C LEU A 331 -53.48 3.14 21.18
N LYS A 332 -53.56 2.38 22.27
CA LYS A 332 -54.53 2.63 23.33
C LYS A 332 -54.08 3.84 24.11
N VAL A 333 -52.77 4.05 24.22
CA VAL A 333 -52.24 5.19 24.96
C VAL A 333 -52.55 6.42 24.14
N LEU A 334 -52.56 6.30 22.81
CA LEU A 334 -52.69 7.47 21.98
C LEU A 334 -54.16 7.82 22.02
N GLU A 335 -55.03 6.81 21.95
CA GLU A 335 -56.48 7.02 21.86
C GLU A 335 -56.93 7.77 23.07
N ASN A 336 -56.29 7.55 24.21
CA ASN A 336 -56.78 8.14 25.43
C ASN A 336 -56.05 9.47 25.58
N GLY A 337 -54.84 9.54 25.05
CA GLY A 337 -53.76 10.37 25.63
C GLY A 337 -54.07 11.81 25.97
N ASN A 338 -54.28 12.66 24.95
CA ASN A 338 -54.86 13.96 25.23
C ASN A 338 -55.41 14.56 23.95
N PHE A 339 -54.65 15.43 23.26
CA PHE A 339 -55.23 16.15 22.11
C PHE A 339 -54.22 16.02 21.03
N ASN A 340 -52.97 16.05 21.45
CA ASN A 340 -51.83 15.90 20.58
C ASN A 340 -51.64 14.42 20.35
N LEU A 341 -51.97 13.60 21.34
CA LEU A 341 -51.72 12.15 21.23
C LEU A 341 -52.87 11.63 20.41
N ARG A 342 -54.07 12.16 20.67
CA ARG A 342 -55.25 11.72 19.93
C ARG A 342 -54.89 12.04 18.48
N GLY A 343 -54.19 13.14 18.27
CA GLY A 343 -53.93 13.67 16.93
C GLY A 343 -53.04 12.69 16.22
N ILE A 344 -52.10 12.09 16.95
CA ILE A 344 -51.09 11.24 16.36
C ILE A 344 -51.85 10.01 15.89
N PHE A 345 -52.78 9.59 16.72
CA PHE A 345 -53.52 8.36 16.49
C PHE A 345 -54.35 8.51 15.23
N TYR A 346 -54.92 9.69 15.01
CA TYR A 346 -55.79 9.92 13.84
C TYR A 346 -54.92 9.84 12.62
N ASN A 347 -53.70 10.36 12.71
CA ASN A 347 -52.86 10.54 11.56
C ASN A 347 -52.43 9.19 11.07
N LEU A 348 -52.19 8.28 12.00
CA LEU A 348 -51.72 6.94 11.69
C LEU A 348 -52.89 6.21 11.05
N ARG A 349 -54.09 6.47 11.55
CA ARG A 349 -55.29 5.78 11.13
C ARG A 349 -55.41 6.09 9.66
N LYS A 350 -55.05 7.32 9.31
CA LYS A 350 -55.21 7.90 7.98
C LYS A 350 -54.19 7.24 7.06
N GLN A 351 -53.00 7.01 7.59
CA GLN A 351 -51.88 6.54 6.80
C GLN A 351 -52.20 5.12 6.48
N ARG A 352 -52.75 4.41 7.46
CA ARG A 352 -53.00 2.99 7.35
C ARG A 352 -54.02 2.84 6.23
N ARG A 353 -55.02 3.69 6.24
CA ARG A 353 -56.14 3.58 5.34
C ARG A 353 -55.64 3.85 3.95
N PHE A 354 -54.72 4.81 3.84
CA PHE A 354 -54.33 5.31 2.53
C PHE A 354 -53.53 4.22 1.83
N ILE A 355 -52.70 3.51 2.60
CA ILE A 355 -51.79 2.51 2.06
C ILE A 355 -52.63 1.36 1.54
N ASP A 356 -53.69 1.02 2.27
CA ASP A 356 -54.51 -0.17 2.01
C ASP A 356 -55.15 0.01 0.67
N GLU A 357 -55.56 1.24 0.38
CA GLU A 357 -56.27 1.52 -0.83
C GLU A 357 -55.24 1.58 -1.92
N LEU A 358 -54.06 2.10 -1.59
CA LEU A 358 -53.00 2.26 -2.58
C LEU A 358 -52.62 0.87 -3.02
N VAL A 359 -52.57 -0.05 -2.07
CA VAL A 359 -52.21 -1.43 -2.32
C VAL A 359 -53.29 -2.06 -3.19
N LYS A 360 -54.55 -1.71 -2.96
CA LYS A 360 -55.66 -2.37 -3.63
C LYS A 360 -55.52 -2.04 -5.09
N LEU A 361 -55.20 -0.79 -5.35
CA LEU A 361 -55.14 -0.25 -6.69
C LEU A 361 -53.99 -0.97 -7.36
N VAL A 362 -52.88 -1.13 -6.66
CA VAL A 362 -51.68 -1.75 -7.23
C VAL A 362 -51.97 -3.19 -7.63
N LYS A 363 -52.79 -3.89 -6.85
CA LYS A 363 -53.07 -5.30 -7.07
C LYS A 363 -53.93 -5.44 -8.34
N LEU A 364 -54.71 -4.41 -8.64
CA LEU A 364 -55.65 -4.44 -9.74
C LEU A 364 -54.81 -4.27 -10.98
N VAL A 365 -53.74 -3.51 -10.86
CA VAL A 365 -52.88 -3.19 -11.98
C VAL A 365 -52.17 -4.46 -12.38
N ALA A 366 -51.85 -5.29 -11.39
CA ALA A 366 -51.04 -6.50 -11.61
C ALA A 366 -51.94 -7.55 -12.27
N LYS A 367 -53.22 -7.56 -11.90
CA LYS A 367 -54.15 -8.55 -12.41
C LYS A 367 -54.35 -8.26 -13.88
N GLU A 368 -54.66 -7.00 -14.21
CA GLU A 368 -54.69 -6.51 -15.60
C GLU A 368 -53.45 -6.93 -16.42
N PRO A 369 -53.65 -7.62 -17.56
CA PRO A 369 -52.48 -8.07 -18.30
C PRO A 369 -51.98 -7.02 -19.30
N GLY A 370 -50.66 -7.01 -19.54
CA GLY A 370 -50.07 -6.17 -20.56
C GLY A 370 -48.57 -6.05 -20.33
N ASN A 371 -47.84 -5.52 -21.30
CA ASN A 371 -46.44 -5.13 -21.07
C ASN A 371 -46.44 -3.91 -20.18
N ARG A 372 -45.28 -3.51 -19.70
CA ARG A 372 -45.24 -2.46 -18.68
C ARG A 372 -46.06 -1.23 -19.05
N ASN A 373 -45.93 -0.76 -20.29
CA ASN A 373 -46.62 0.45 -20.73
C ASN A 373 -48.13 0.33 -20.69
N LYS A 374 -48.65 -0.84 -21.02
CA LYS A 374 -50.08 -1.00 -21.09
C LYS A 374 -50.50 -1.02 -19.62
N LYS A 375 -49.61 -1.49 -18.76
CA LYS A 375 -49.95 -1.66 -17.34
C LYS A 375 -49.93 -0.28 -16.73
N THR A 376 -49.02 0.57 -17.22
CA THR A 376 -48.81 1.88 -16.61
C THR A 376 -49.96 2.79 -16.99
N GLU A 377 -50.50 2.62 -18.18
CA GLU A 377 -51.54 3.51 -18.66
C GLU A 377 -52.74 3.21 -17.80
N LYS A 378 -52.87 1.94 -17.45
CA LYS A 378 -54.01 1.40 -16.73
C LYS A 378 -53.94 1.98 -15.34
N PHE A 379 -52.72 2.10 -14.84
CA PHE A 379 -52.44 2.60 -13.51
C PHE A 379 -52.85 4.06 -13.47
N GLN A 380 -52.53 4.80 -14.53
CA GLN A 380 -52.77 6.22 -14.57
C GLN A 380 -54.26 6.37 -14.51
N LYS A 381 -54.98 5.47 -15.16
CA LYS A 381 -56.42 5.60 -15.27
C LYS A 381 -57.07 5.34 -13.92
N LEU A 382 -56.55 4.42 -13.14
CA LEU A 382 -57.22 4.04 -11.90
C LEU A 382 -57.13 5.20 -10.91
N LEU A 383 -56.01 5.92 -10.91
CA LEU A 383 -55.75 6.95 -9.91
C LEU A 383 -56.75 8.06 -10.17
N ALA A 384 -57.07 8.25 -11.44
CA ALA A 384 -57.85 9.37 -11.88
C ALA A 384 -59.32 9.00 -11.65
N GLU A 385 -59.59 7.70 -11.66
CA GLU A 385 -60.92 7.16 -11.30
C GLU A 385 -61.29 7.55 -9.86
N GLN A 386 -62.39 8.28 -9.76
CA GLN A 386 -62.80 8.92 -8.52
C GLN A 386 -63.68 7.95 -7.78
N ASP A 387 -63.39 7.73 -6.51
CA ASP A 387 -64.31 6.92 -5.69
C ASP A 387 -64.67 5.54 -6.29
N MET A 388 -63.68 4.95 -6.96
CA MET A 388 -63.60 3.52 -7.09
C MET A 388 -63.12 3.01 -5.75
N PHE A 389 -62.42 3.88 -5.03
CA PHE A 389 -61.75 3.54 -3.79
C PHE A 389 -62.17 4.41 -2.64
N LYS A 390 -62.09 3.80 -1.45
CA LYS A 390 -62.27 4.44 -0.15
C LYS A 390 -61.60 5.81 -0.02
N VAL A 391 -60.41 5.93 -0.58
CA VAL A 391 -59.74 7.23 -0.73
C VAL A 391 -59.75 7.63 -2.19
N ASN A 392 -59.99 8.90 -2.45
CA ASN A 392 -59.90 9.41 -3.80
C ASN A 392 -58.46 9.87 -4.07
N PHE A 393 -57.80 9.36 -5.10
CA PHE A 393 -56.37 9.62 -5.24
C PHE A 393 -56.04 10.99 -5.76
N THR A 394 -56.95 11.58 -6.52
CA THR A 394 -56.70 12.92 -7.04
C THR A 394 -56.74 13.97 -5.96
N ASN A 395 -57.69 13.93 -5.04
CA ASN A 395 -57.52 14.76 -3.85
C ASN A 395 -57.58 13.87 -2.62
N PHE A 396 -56.88 14.17 -1.54
CA PHE A 396 -57.40 13.65 -0.28
C PHE A 396 -57.26 14.65 0.84
N GLU A 397 -57.78 14.32 2.01
CA GLU A 397 -57.35 14.96 3.25
C GLU A 397 -55.87 14.78 3.50
N PRO A 398 -55.18 15.86 3.93
CA PRO A 398 -53.73 15.85 4.06
C PRO A 398 -53.22 14.76 5.00
N ILE A 399 -52.18 14.05 4.61
CA ILE A 399 -51.68 12.96 5.39
C ILE A 399 -50.19 13.18 5.51
N PRO A 400 -49.66 13.18 6.74
CA PRO A 400 -48.22 13.09 6.84
C PRO A 400 -47.73 11.87 6.06
N PHE A 401 -46.80 12.07 5.15
CA PHE A 401 -46.20 10.96 4.45
C PHE A 401 -45.66 9.95 5.46
N PRO A 402 -45.96 8.66 5.27
CA PRO A 402 -45.34 7.65 6.14
C PRO A 402 -43.84 7.59 5.96
N LEU A 403 -43.39 7.85 4.74
CA LEU A 403 -41.96 7.80 4.45
C LEU A 403 -41.32 8.89 5.23
N ASP A 404 -41.80 10.10 5.01
CA ASP A 404 -41.43 11.23 5.83
C ASP A 404 -42.62 11.85 6.57
N PRO A 405 -42.58 11.79 7.90
CA PRO A 405 -43.64 12.25 8.77
C PRO A 405 -43.79 13.76 8.73
N GLU A 406 -42.71 14.44 8.39
CA GLU A 406 -42.68 15.91 8.43
C GLU A 406 -43.59 16.56 7.39
N ILE A 407 -43.75 15.89 6.25
CA ILE A 407 -44.43 16.42 5.05
C ILE A 407 -45.82 15.82 4.95
N TYR A 408 -46.84 16.66 4.79
CA TYR A 408 -48.14 16.09 4.54
C TYR A 408 -48.18 15.81 3.06
N ILE A 409 -49.09 14.97 2.57
CA ILE A 409 -49.37 15.14 1.17
C ILE A 409 -50.81 15.48 0.94
N THR A 410 -51.04 16.08 -0.23
CA THR A 410 -52.39 16.15 -0.78
C THR A 410 -52.85 15.09 -1.74
N LYS A 411 -52.71 15.45 -3.01
CA LYS A 411 -53.15 14.62 -4.08
C LYS A 411 -52.07 13.67 -4.62
N ILE A 412 -52.41 12.88 -5.62
CA ILE A 412 -51.42 12.31 -6.54
C ILE A 412 -51.72 12.83 -7.92
N VAL A 413 -50.67 13.11 -8.70
CA VAL A 413 -50.81 13.41 -10.13
C VAL A 413 -50.79 12.11 -10.96
N PRO A 414 -51.94 11.72 -11.53
CA PRO A 414 -51.98 10.48 -12.31
C PRO A 414 -50.93 10.42 -13.42
N MET A 415 -50.72 11.52 -14.15
CA MET A 415 -49.82 11.48 -15.32
C MET A 415 -48.36 11.42 -14.97
N ARG A 416 -47.97 11.99 -13.85
CA ARG A 416 -46.57 11.96 -13.54
C ARG A 416 -46.12 10.60 -13.03
N THR A 417 -47.07 9.70 -12.79
CA THR A 417 -46.68 8.37 -12.34
C THR A 417 -46.11 7.55 -13.48
N SER A 418 -44.91 7.00 -13.24
CA SER A 418 -44.35 6.03 -14.15
C SER A 418 -44.28 4.67 -13.46
N LEU A 419 -43.91 3.61 -14.18
CA LEU A 419 -43.45 2.38 -13.53
C LEU A 419 -42.06 2.04 -13.96
N PHE A 420 -41.34 1.39 -13.07
CA PHE A 420 -39.94 1.14 -13.32
C PHE A 420 -39.54 0.02 -14.24
N LYS A 421 -38.34 0.20 -14.79
CA LYS A 421 -37.74 -0.70 -15.77
C LYS A 421 -37.50 -2.07 -15.12
N SER A 422 -37.01 -2.03 -13.88
CA SER A 422 -36.87 -3.25 -13.08
C SER A 422 -38.07 -4.15 -13.21
N ALA A 423 -37.83 -5.43 -12.98
CA ALA A 423 -38.79 -6.47 -13.16
C ALA A 423 -40.01 -6.41 -12.23
N LEU A 424 -39.83 -6.67 -10.95
CA LEU A 424 -40.90 -6.28 -10.08
C LEU A 424 -41.08 -4.79 -10.43
N MET A 425 -42.30 -4.39 -10.82
CA MET A 425 -42.51 -3.04 -11.27
C MET A 425 -43.05 -2.20 -10.16
N PRO A 426 -42.32 -1.18 -9.76
CA PRO A 426 -42.79 -0.25 -8.75
C PRO A 426 -43.13 1.09 -9.39
N ALA A 427 -44.09 1.86 -8.86
CA ALA A 427 -44.38 3.08 -9.58
C ALA A 427 -43.37 4.13 -9.16
N LYS A 428 -43.05 5.18 -9.94
CA LYS A 428 -42.70 6.43 -9.24
C LYS A 428 -44.09 6.88 -8.92
N LEU A 429 -44.34 7.59 -7.83
CA LEU A 429 -45.56 8.36 -7.83
C LEU A 429 -45.16 9.78 -7.76
N THR A 430 -45.99 10.71 -8.17
CA THR A 430 -45.71 12.01 -7.61
C THR A 430 -46.77 12.27 -6.57
N PHE A 431 -46.46 13.13 -5.61
CA PHE A 431 -47.53 13.75 -4.86
C PHE A 431 -47.51 15.25 -5.03
N VAL A 432 -48.60 15.94 -4.75
CA VAL A 432 -48.38 17.33 -4.35
C VAL A 432 -48.09 17.34 -2.88
N THR A 433 -47.72 18.49 -2.34
CA THR A 433 -47.62 18.59 -0.90
C THR A 433 -48.49 19.68 -0.35
N SER A 434 -48.72 19.62 0.96
CA SER A 434 -49.56 20.58 1.67
C SER A 434 -49.11 22.01 1.43
N ILE A 435 -47.80 22.21 1.26
CA ILE A 435 -47.29 23.55 1.14
C ILE A 435 -46.90 23.88 -0.30
N ALA A 436 -47.57 24.91 -0.82
CA ALA A 436 -47.24 25.59 -2.08
C ALA A 436 -47.39 24.72 -3.31
N HIS A 437 -47.95 23.53 -3.11
CA HIS A 437 -48.20 22.56 -4.19
C HIS A 437 -46.96 21.77 -4.66
N HIS A 438 -45.78 22.00 -4.06
CA HIS A 438 -44.53 21.36 -4.50
C HIS A 438 -44.75 19.91 -4.64
N GLU A 439 -44.22 19.32 -5.71
CA GLU A 439 -44.46 17.92 -5.85
C GLU A 439 -43.52 17.26 -4.85
N TYR A 440 -43.78 16.00 -4.48
CA TYR A 440 -42.70 15.16 -3.97
C TYR A 440 -42.74 13.96 -4.88
N ALA A 441 -41.68 13.20 -5.13
CA ALA A 441 -42.04 11.84 -5.53
C ALA A 441 -41.48 10.86 -4.57
N ALA A 442 -42.10 9.69 -4.48
CA ALA A 442 -41.37 8.57 -3.96
C ALA A 442 -41.56 7.41 -4.89
N ILE A 443 -40.84 6.30 -4.70
CA ILE A 443 -41.30 5.10 -5.35
C ILE A 443 -42.27 4.36 -4.49
N PHE A 444 -43.02 3.45 -5.05
CA PHE A 444 -43.73 2.48 -4.23
C PHE A 444 -43.62 1.08 -4.81
N LYS A 445 -43.26 0.13 -3.95
CA LYS A 445 -42.85 -1.18 -4.40
C LYS A 445 -43.77 -2.37 -4.06
N HIS A 446 -44.21 -3.06 -5.12
CA HIS A 446 -45.31 -4.02 -5.08
C HIS A 446 -45.03 -5.30 -4.34
N GLY A 447 -43.79 -5.81 -4.41
CA GLY A 447 -43.49 -7.15 -3.90
C GLY A 447 -42.08 -7.47 -3.39
N ASP A 448 -41.75 -6.93 -2.22
CA ASP A 448 -40.47 -7.22 -1.57
C ASP A 448 -40.48 -6.71 -0.14
N ASP A 449 -39.72 -7.41 0.71
CA ASP A 449 -39.55 -7.01 2.09
C ASP A 449 -38.29 -6.14 2.09
N LEU A 450 -38.44 -4.89 2.49
CA LEU A 450 -37.37 -3.90 2.39
C LEU A 450 -36.56 -3.76 3.66
N ARG A 451 -36.93 -4.52 4.68
CA ARG A 451 -36.27 -4.44 5.98
C ARG A 451 -34.78 -4.48 5.83
N GLN A 452 -34.31 -5.27 4.87
CA GLN A 452 -32.90 -5.42 4.60
C GLN A 452 -32.36 -4.12 4.04
N ASP A 453 -33.11 -3.50 3.13
CA ASP A 453 -32.67 -2.30 2.45
C ASP A 453 -32.62 -1.21 3.50
N GLN A 454 -33.58 -1.20 4.42
CA GLN A 454 -33.66 -0.10 5.40
C GLN A 454 -32.51 -0.21 6.39
N LEU A 455 -32.07 -1.43 6.66
CA LEU A 455 -31.00 -1.65 7.62
C LEU A 455 -29.73 -1.11 6.96
N ILE A 456 -29.54 -1.37 5.67
CA ILE A 456 -28.29 -1.00 5.04
C ILE A 456 -28.25 0.49 4.91
N LEU A 457 -29.41 1.12 4.68
CA LEU A 457 -29.44 2.55 4.45
C LEU A 457 -29.23 3.26 5.76
N GLN A 458 -29.75 2.69 6.83
CA GLN A 458 -29.55 3.29 8.11
C GLN A 458 -28.04 3.29 8.30
N MET A 459 -27.41 2.24 7.82
CA MET A 459 -26.00 1.98 8.09
C MET A 459 -25.18 3.01 7.36
N ILE A 460 -25.59 3.31 6.14
CA ILE A 460 -24.89 4.24 5.29
C ILE A 460 -25.10 5.63 5.85
N THR A 461 -26.28 5.92 6.40
CA THR A 461 -26.63 7.23 6.93
C THR A 461 -25.72 7.46 8.12
N LEU A 462 -25.50 6.40 8.89
CA LEU A 462 -24.86 6.51 10.17
C LEU A 462 -23.40 6.80 9.88
N MET A 463 -22.85 6.08 8.92
CA MET A 463 -21.42 6.14 8.61
C MET A 463 -21.13 7.53 8.08
N ASP A 464 -22.09 8.06 7.35
CA ASP A 464 -21.98 9.34 6.71
C ASP A 464 -21.96 10.39 7.80
N LYS A 465 -22.78 10.22 8.83
CA LYS A 465 -22.91 11.19 9.92
C LYS A 465 -21.57 11.25 10.63
N LEU A 466 -20.97 10.07 10.84
CA LEU A 466 -19.73 9.94 11.61
C LEU A 466 -18.59 10.59 10.85
N LEU A 467 -18.58 10.41 9.55
CA LEU A 467 -17.49 10.87 8.72
C LEU A 467 -17.59 12.36 8.65
N ARG A 468 -18.80 12.88 8.72
CA ARG A 468 -19.05 14.30 8.48
C ARG A 468 -18.61 15.14 9.66
N ARG A 469 -18.73 14.56 10.85
CA ARG A 469 -18.34 15.20 12.10
C ARG A 469 -16.81 15.29 12.02
N GLU A 470 -16.19 14.29 11.39
CA GLU A 470 -14.74 14.25 11.26
C GLU A 470 -14.37 15.21 10.16
N ASN A 471 -15.38 15.75 9.51
CA ASN A 471 -15.17 16.73 8.49
C ASN A 471 -14.86 16.05 7.16
N LEU A 472 -15.30 14.80 7.03
CA LEU A 472 -15.25 14.11 5.73
C LEU A 472 -16.64 14.03 5.08
N ASP A 473 -16.87 14.80 4.03
CA ASP A 473 -18.11 14.68 3.26
C ASP A 473 -17.81 13.94 1.98
N LEU A 474 -18.31 12.72 1.87
CA LEU A 474 -18.08 11.93 0.65
C LEU A 474 -19.26 12.01 -0.31
N LYS A 475 -20.18 12.94 -0.01
CA LYS A 475 -21.35 13.23 -0.83
C LYS A 475 -22.18 11.97 -1.03
N LEU A 476 -22.23 11.16 0.02
CA LEU A 476 -23.05 9.98 -0.01
C LEU A 476 -24.49 10.44 -0.03
N THR A 477 -25.34 9.74 -0.77
CA THR A 477 -26.75 10.01 -0.67
C THR A 477 -27.44 8.85 0.03
N PRO A 478 -27.85 9.05 1.28
CA PRO A 478 -28.69 8.05 1.91
C PRO A 478 -30.10 8.46 1.66
N TYR A 479 -30.85 7.60 0.99
CA TYR A 479 -32.22 7.92 0.65
C TYR A 479 -33.12 7.20 1.63
N LYS A 480 -34.25 7.80 1.94
CA LYS A 480 -35.12 7.19 2.94
C LYS A 480 -35.81 5.95 2.40
N VAL A 481 -35.84 4.88 3.18
CA VAL A 481 -36.73 3.78 2.81
C VAL A 481 -37.69 3.59 3.95
N LEU A 482 -38.87 3.02 3.75
CA LEU A 482 -39.48 2.41 4.90
C LEU A 482 -40.07 1.10 4.47
N ALA A 483 -40.20 0.10 5.33
CA ALA A 483 -41.23 -0.81 4.95
C ALA A 483 -42.52 -0.52 5.66
N THR A 484 -43.52 -1.01 4.97
CA THR A 484 -44.88 -1.05 5.37
C THR A 484 -45.14 -2.40 5.96
N SER A 485 -46.06 -3.12 5.31
CA SER A 485 -45.96 -4.57 5.34
C SER A 485 -44.63 -5.06 4.74
N SER A 486 -44.18 -6.24 5.13
CA SER A 486 -43.30 -7.02 4.26
C SER A 486 -44.08 -7.12 2.97
N LYS A 487 -43.39 -7.00 1.85
CA LYS A 487 -44.03 -6.98 0.53
C LYS A 487 -44.65 -5.65 0.06
N HIS A 488 -44.68 -4.62 0.88
CA HIS A 488 -44.60 -3.31 0.25
C HIS A 488 -43.77 -2.33 1.04
N GLY A 489 -43.21 -1.33 0.40
CA GLY A 489 -42.80 -0.13 1.15
C GLY A 489 -42.71 1.11 0.30
N PHE A 490 -42.27 2.24 0.85
CA PHE A 490 -41.79 3.28 -0.05
C PHE A 490 -40.30 3.34 -0.19
N LEU A 491 -39.82 4.15 -1.12
CA LEU A 491 -38.43 4.59 -1.10
C LEU A 491 -38.39 5.99 -1.62
N GLN A 492 -37.56 6.82 -1.03
CA GLN A 492 -37.34 8.16 -1.53
C GLN A 492 -36.83 8.07 -2.96
N TYR A 493 -37.21 9.00 -3.79
CA TYR A 493 -36.72 8.98 -5.15
C TYR A 493 -35.62 9.99 -5.29
N VAL A 494 -34.49 9.57 -5.87
CA VAL A 494 -33.43 10.52 -6.21
C VAL A 494 -33.40 10.63 -7.73
N ASP A 495 -33.39 11.85 -8.25
CA ASP A 495 -33.31 11.96 -9.70
C ASP A 495 -31.91 11.57 -10.12
N SER A 496 -31.83 10.57 -10.98
CA SER A 496 -30.54 10.06 -11.35
C SER A 496 -30.72 9.38 -12.66
N CYS A 497 -29.61 9.01 -13.28
CA CYS A 497 -29.65 8.16 -14.43
C CYS A 497 -28.86 6.92 -14.03
N THR A 498 -29.35 5.73 -14.36
CA THR A 498 -28.61 4.49 -14.10
C THR A 498 -27.30 4.52 -14.87
N VAL A 499 -26.18 4.06 -14.30
CA VAL A 499 -24.90 4.08 -15.04
C VAL A 499 -25.04 3.42 -16.40
N ALA A 500 -25.72 2.29 -16.45
CA ALA A 500 -25.93 1.58 -17.71
C ALA A 500 -26.64 2.50 -18.71
N GLU A 501 -27.56 3.34 -18.21
CA GLU A 501 -28.36 4.23 -19.05
C GLU A 501 -27.42 5.28 -19.57
N VAL A 502 -26.46 5.68 -18.73
CA VAL A 502 -25.62 6.81 -19.04
C VAL A 502 -24.74 6.39 -20.17
N LEU A 503 -24.26 5.16 -20.15
CA LEU A 503 -23.32 4.68 -21.12
C LEU A 503 -24.06 4.42 -22.39
N ALA A 504 -25.29 3.93 -22.27
CA ALA A 504 -25.98 3.48 -23.45
C ALA A 504 -26.27 4.77 -24.18
N ARG A 505 -26.54 5.81 -23.40
CA ARG A 505 -27.13 7.03 -23.92
C ARG A 505 -26.07 8.08 -24.18
N GLU A 506 -24.99 8.02 -23.43
CA GLU A 506 -23.81 8.83 -23.67
C GLU A 506 -22.60 7.88 -23.63
N GLY A 507 -21.71 7.95 -24.60
CA GLY A 507 -20.66 6.93 -24.69
C GLY A 507 -20.06 6.53 -23.35
N ASN A 508 -19.59 7.53 -22.60
CA ASN A 508 -18.88 7.31 -21.35
C ASN A 508 -19.30 8.32 -20.30
N ILE A 509 -18.93 8.09 -19.04
CA ILE A 509 -19.37 8.94 -17.94
C ILE A 509 -18.96 10.38 -18.18
N HIS A 510 -17.77 10.57 -18.72
CA HIS A 510 -17.21 11.90 -18.86
C HIS A 510 -18.06 12.69 -19.80
N ASN A 511 -18.53 12.07 -20.86
CA ASN A 511 -19.29 12.77 -21.87
C ASN A 511 -20.53 13.30 -21.21
N PHE A 512 -21.03 12.57 -20.23
CA PHE A 512 -22.34 12.80 -19.67
C PHE A 512 -22.18 13.93 -18.70
N PHE A 513 -21.07 13.96 -17.97
CA PHE A 513 -20.83 14.99 -16.98
C PHE A 513 -20.56 16.25 -17.75
N ARG A 514 -19.86 16.10 -18.86
CA ARG A 514 -19.32 17.21 -19.61
C ARG A 514 -20.52 17.89 -20.17
N LYS A 515 -21.55 17.11 -20.47
CA LYS A 515 -22.70 17.65 -21.16
C LYS A 515 -23.42 18.51 -20.16
N HIS A 516 -23.41 18.10 -18.90
CA HIS A 516 -24.18 18.80 -17.90
C HIS A 516 -23.42 19.99 -17.35
N HIS A 517 -22.10 19.88 -17.28
CA HIS A 517 -21.31 20.87 -16.56
C HIS A 517 -20.01 21.11 -17.29
N PRO A 518 -20.08 21.83 -18.41
CA PRO A 518 -18.84 21.94 -19.14
C PRO A 518 -17.98 23.02 -18.57
N CYS A 519 -16.73 22.71 -18.29
CA CYS A 519 -15.75 23.74 -18.04
C CYS A 519 -14.66 23.50 -19.08
N ASP A 520 -14.45 24.44 -20.00
CA ASP A 520 -13.38 24.22 -20.98
C ASP A 520 -12.05 23.97 -20.30
N ASN A 521 -11.89 24.54 -19.11
CA ASN A 521 -10.58 24.68 -18.54
C ASN A 521 -10.09 23.56 -17.69
N GLY A 522 -10.98 22.73 -17.16
CA GLY A 522 -10.45 21.65 -16.37
C GLY A 522 -11.52 20.77 -15.83
N PRO A 523 -11.15 19.61 -15.30
CA PRO A 523 -9.96 18.93 -15.64
C PRO A 523 -10.16 18.17 -16.95
N TYR A 524 -11.34 17.57 -17.10
CA TYR A 524 -11.59 16.83 -18.31
C TYR A 524 -12.47 17.61 -19.22
N GLY A 525 -12.50 18.92 -19.01
CA GLY A 525 -13.49 19.74 -19.67
C GLY A 525 -14.78 19.62 -18.89
N ILE A 526 -14.66 19.15 -17.65
CA ILE A 526 -15.76 18.94 -16.72
C ILE A 526 -15.46 19.77 -15.48
N SER A 527 -16.40 20.59 -15.02
CA SER A 527 -16.21 21.41 -13.81
C SER A 527 -15.64 20.64 -12.63
N ALA A 528 -14.50 21.13 -12.14
CA ALA A 528 -13.75 20.50 -11.06
C ALA A 528 -14.57 19.92 -9.94
N GLU A 529 -15.65 20.58 -9.55
CA GLU A 529 -16.36 20.18 -8.34
C GLU A 529 -17.05 18.88 -8.65
N VAL A 530 -17.55 18.73 -9.86
CA VAL A 530 -18.31 17.53 -10.19
C VAL A 530 -17.35 16.37 -10.08
N MET A 531 -16.12 16.54 -10.55
CA MET A 531 -15.16 15.46 -10.53
C MET A 531 -14.91 15.16 -9.08
N ASP A 532 -14.84 16.18 -8.24
CA ASP A 532 -14.46 15.97 -6.88
C ASP A 532 -15.58 15.15 -6.22
N THR A 533 -16.83 15.49 -6.51
CA THR A 533 -17.93 14.86 -5.79
C THR A 533 -17.98 13.44 -6.28
N TYR A 534 -17.64 13.21 -7.54
CA TYR A 534 -17.77 11.88 -8.08
C TYR A 534 -16.71 10.96 -7.45
N ILE A 535 -15.51 11.50 -7.21
CA ILE A 535 -14.39 10.71 -6.67
C ILE A 535 -14.79 10.38 -5.23
N LYS A 536 -15.43 11.33 -4.58
CA LYS A 536 -15.65 11.22 -3.18
C LYS A 536 -16.75 10.24 -3.00
N SER A 537 -17.75 10.23 -3.88
CA SER A 537 -18.90 9.36 -3.72
C SER A 537 -18.35 7.99 -3.92
N CYS A 538 -17.39 7.87 -4.84
CA CYS A 538 -16.89 6.55 -5.20
C CYS A 538 -16.16 6.02 -4.00
N ALA A 539 -15.35 6.85 -3.36
CA ALA A 539 -14.54 6.35 -2.28
C ALA A 539 -15.49 5.91 -1.18
N GLY A 540 -16.53 6.69 -0.93
CA GLY A 540 -17.38 6.49 0.22
C GLY A 540 -18.04 5.17 0.02
N TYR A 541 -18.44 4.91 -1.21
CA TYR A 541 -19.21 3.71 -1.47
C TYR A 541 -18.37 2.46 -1.52
N CYS A 542 -17.12 2.53 -1.95
CA CYS A 542 -16.34 1.30 -2.07
C CYS A 542 -16.14 0.84 -0.67
N VAL A 543 -15.85 1.79 0.20
CA VAL A 543 -15.47 1.50 1.56
C VAL A 543 -16.69 0.99 2.27
N ILE A 544 -17.86 1.58 2.04
CA ILE A 544 -19.05 1.20 2.80
C ILE A 544 -19.57 -0.10 2.27
N THR A 545 -19.44 -0.29 0.96
CA THR A 545 -19.95 -1.48 0.32
C THR A 545 -19.08 -2.60 0.86
N TYR A 546 -17.80 -2.31 1.08
CA TYR A 546 -16.82 -3.30 1.46
C TYR A 546 -17.02 -3.68 2.92
N LEU A 547 -17.37 -2.71 3.75
CA LEU A 547 -17.42 -2.93 5.19
C LEU A 547 -18.68 -3.73 5.43
N LEU A 548 -19.69 -3.47 4.62
CA LEU A 548 -20.99 -4.01 4.89
C LEU A 548 -21.12 -5.22 4.03
N GLY A 549 -20.02 -5.59 3.41
CA GLY A 549 -19.94 -6.76 2.55
C GLY A 549 -21.08 -6.84 1.55
N VAL A 550 -21.27 -5.77 0.77
CA VAL A 550 -22.40 -5.74 -0.16
C VAL A 550 -22.02 -6.38 -1.47
N GLY A 551 -22.72 -7.45 -1.83
CA GLY A 551 -22.54 -8.11 -3.12
C GLY A 551 -23.65 -7.77 -4.11
N ASP A 552 -23.50 -8.25 -5.34
CA ASP A 552 -24.53 -8.15 -6.39
C ASP A 552 -24.61 -6.79 -7.11
N ARG A 553 -23.51 -6.03 -7.11
CA ARG A 553 -23.53 -4.72 -7.76
C ARG A 553 -23.40 -4.89 -9.26
N HIS A 554 -24.11 -4.04 -10.01
CA HIS A 554 -23.87 -3.85 -11.45
C HIS A 554 -24.31 -2.49 -11.96
N LEU A 555 -24.12 -2.24 -13.25
CA LEU A 555 -24.46 -0.95 -13.82
C LEU A 555 -25.93 -0.56 -13.62
N ASP A 556 -26.83 -1.55 -13.56
CA ASP A 556 -28.27 -1.33 -13.27
C ASP A 556 -28.35 -0.88 -11.81
N ASN A 557 -27.42 -1.39 -11.01
CA ASN A 557 -27.40 -1.21 -9.57
C ASN A 557 -26.83 0.12 -9.15
N LEU A 558 -25.84 0.63 -9.88
CA LEU A 558 -25.22 1.88 -9.44
C LEU A 558 -25.98 2.94 -10.17
N LEU A 559 -26.08 4.15 -9.61
CA LEU A 559 -26.55 5.22 -10.47
C LEU A 559 -25.69 6.44 -10.48
N LEU A 560 -25.91 7.35 -11.42
CA LEU A 560 -25.31 8.64 -11.18
C LEU A 560 -26.29 9.79 -11.07
N THR A 561 -25.81 10.86 -10.48
CA THR A 561 -26.50 12.14 -10.54
C THR A 561 -25.80 13.14 -11.46
N THR A 562 -26.50 14.23 -11.73
CA THR A 562 -26.03 15.24 -12.65
C THR A 562 -25.00 16.16 -11.98
N ASN A 563 -24.95 16.14 -10.65
CA ASN A 563 -23.88 16.81 -9.93
C ASN A 563 -22.67 15.93 -9.79
N GLY A 564 -22.76 14.69 -10.28
CA GLY A 564 -21.66 13.87 -9.94
C GLY A 564 -21.76 12.73 -8.97
N LYS A 565 -22.83 12.47 -8.23
CA LYS A 565 -22.47 11.72 -7.01
C LYS A 565 -22.66 10.34 -7.58
N LEU A 566 -22.06 9.29 -7.04
CA LEU A 566 -22.62 8.02 -7.39
C LEU A 566 -23.29 7.52 -6.15
N PHE A 567 -24.37 6.74 -6.27
CA PHE A 567 -24.73 5.93 -5.11
C PHE A 567 -25.05 4.49 -5.41
N HIS A 568 -25.30 3.67 -4.40
CA HIS A 568 -25.86 2.37 -4.72
C HIS A 568 -27.36 2.24 -4.52
N ILE A 569 -27.86 1.05 -4.80
CA ILE A 569 -29.27 0.74 -4.68
C ILE A 569 -29.47 -0.76 -4.55
N ASP A 570 -30.66 -1.15 -4.08
CA ASP A 570 -31.06 -2.56 -4.10
C ASP A 570 -30.09 -3.42 -3.31
N PHE A 571 -30.03 -3.22 -2.01
CA PHE A 571 -29.12 -4.00 -1.22
C PHE A 571 -29.80 -5.27 -0.76
N GLY A 572 -29.93 -6.21 -1.70
CA GLY A 572 -30.45 -7.54 -1.43
C GLY A 572 -29.40 -8.56 -1.01
N TYR A 573 -28.14 -8.33 -1.41
CA TYR A 573 -27.04 -9.18 -0.97
C TYR A 573 -26.04 -8.44 -0.05
N ILE A 574 -25.87 -8.99 1.14
CA ILE A 574 -25.29 -8.31 2.27
C ILE A 574 -24.29 -9.26 2.96
N LEU A 575 -23.21 -8.68 3.49
CA LEU A 575 -22.25 -9.46 4.25
C LEU A 575 -21.64 -10.53 3.37
N GLY A 576 -21.35 -10.17 2.13
CA GLY A 576 -20.70 -11.08 1.21
C GLY A 576 -21.54 -12.16 0.54
N ARG A 577 -22.83 -12.27 0.84
CA ARG A 577 -23.62 -13.14 -0.01
C ARG A 577 -23.53 -12.54 -1.40
N ASP A 578 -23.28 -13.37 -2.39
CA ASP A 578 -23.40 -12.94 -3.77
C ASP A 578 -23.99 -14.13 -4.50
N PRO A 579 -24.84 -13.88 -5.52
CA PRO A 579 -25.25 -14.98 -6.36
C PRO A 579 -24.04 -15.74 -6.92
N LYS A 580 -23.09 -14.98 -7.44
CA LYS A 580 -21.90 -15.53 -8.09
C LYS A 580 -20.88 -16.18 -7.14
N PRO A 581 -20.03 -17.06 -7.68
CA PRO A 581 -18.98 -17.78 -6.93
C PRO A 581 -17.83 -16.89 -6.41
N MET A 582 -17.40 -15.91 -7.20
CA MET A 582 -16.23 -15.10 -6.81
C MET A 582 -16.35 -13.59 -6.92
N PRO A 583 -16.71 -12.94 -5.80
CA PRO A 583 -16.76 -11.50 -5.79
C PRO A 583 -15.34 -10.96 -5.97
N PRO A 584 -15.18 -9.81 -6.64
CA PRO A 584 -13.98 -9.03 -6.40
C PRO A 584 -14.16 -8.45 -5.01
N PRO A 585 -13.07 -8.24 -4.25
CA PRO A 585 -13.30 -7.75 -2.88
C PRO A 585 -13.85 -6.30 -2.89
N MET A 586 -13.43 -5.51 -3.87
CA MET A 586 -13.93 -4.18 -4.01
C MET A 586 -14.63 -4.08 -5.35
N LYS A 587 -15.73 -3.35 -5.39
CA LYS A 587 -16.57 -3.33 -6.58
C LYS A 587 -16.44 -2.03 -7.34
N LEU A 588 -15.60 -2.01 -8.37
CA LEU A 588 -15.57 -0.86 -9.29
C LEU A 588 -15.67 -1.32 -10.72
N SER A 589 -16.64 -0.78 -11.44
CA SER A 589 -16.76 -1.10 -12.85
C SER A 589 -15.60 -0.47 -13.60
N LYS A 590 -15.21 -1.07 -14.71
CA LYS A 590 -14.18 -0.53 -15.60
C LYS A 590 -14.41 0.94 -15.93
N GLU A 591 -15.67 1.29 -16.08
CA GLU A 591 -16.11 2.54 -16.65
C GLU A 591 -15.97 3.60 -15.60
N MET A 592 -16.05 3.17 -14.35
CA MET A 592 -15.97 4.07 -13.21
C MET A 592 -14.50 4.46 -13.04
N VAL A 593 -13.60 3.52 -13.35
CA VAL A 593 -12.15 3.67 -13.19
C VAL A 593 -11.70 4.59 -14.31
N GLU A 594 -12.31 4.42 -15.46
CA GLU A 594 -11.96 5.19 -16.63
C GLU A 594 -12.45 6.60 -16.36
N ALA A 595 -13.52 6.71 -15.59
CA ALA A 595 -14.20 7.97 -15.27
C ALA A 595 -13.23 8.85 -14.52
N MET A 596 -12.24 8.22 -13.90
CA MET A 596 -11.28 8.93 -13.07
C MET A 596 -10.03 9.21 -13.89
N GLY A 597 -10.08 8.95 -15.19
CA GLY A 597 -8.96 9.22 -16.10
C GLY A 597 -7.87 8.18 -16.01
N GLY A 598 -8.27 6.95 -15.72
CA GLY A 598 -7.36 5.82 -15.77
C GLY A 598 -6.52 5.71 -14.52
N ILE A 599 -5.67 4.68 -14.51
CA ILE A 599 -4.86 4.27 -13.36
C ILE A 599 -3.94 5.37 -12.86
N SER A 600 -3.36 6.11 -13.81
CA SER A 600 -2.47 7.21 -13.49
C SER A 600 -3.17 8.52 -13.88
N SER A 601 -3.74 9.15 -12.88
CA SER A 601 -4.36 10.45 -13.04
C SER A 601 -4.24 11.01 -11.65
N GLU A 602 -4.34 12.32 -11.52
CA GLU A 602 -4.28 12.95 -10.21
C GLU A 602 -5.47 12.48 -9.39
N HIS A 603 -6.56 12.23 -10.10
CA HIS A 603 -7.85 11.97 -9.50
C HIS A 603 -7.89 10.58 -8.97
N HIS A 604 -7.19 9.65 -9.59
CA HIS A 604 -7.27 8.27 -9.16
C HIS A 604 -6.58 8.20 -7.82
N HIS A 605 -5.54 9.01 -7.68
CA HIS A 605 -4.66 9.01 -6.52
C HIS A 605 -5.46 9.61 -5.37
N GLU A 606 -6.30 10.59 -5.74
CA GLU A 606 -7.18 11.31 -4.82
C GLU A 606 -8.20 10.34 -4.30
N PHE A 607 -8.58 9.38 -5.13
CA PHE A 607 -9.64 8.45 -4.79
C PHE A 607 -9.08 7.47 -3.77
N ARG A 608 -7.85 7.00 -3.99
CA ARG A 608 -7.31 5.98 -3.11
C ARG A 608 -7.02 6.62 -1.77
N LYS A 609 -6.58 7.88 -1.81
CA LYS A 609 -6.12 8.57 -0.62
C LYS A 609 -7.36 8.67 0.24
N GLN A 610 -8.47 8.94 -0.42
CA GLN A 610 -9.75 9.22 0.20
C GLN A 610 -10.29 7.97 0.81
N CYS A 611 -10.11 6.84 0.13
CA CYS A 611 -10.59 5.57 0.64
C CYS A 611 -9.87 5.27 1.94
N TYR A 612 -8.58 5.56 2.02
CA TYR A 612 -7.83 5.05 3.13
C TYR A 612 -8.29 5.87 4.29
N THR A 613 -8.53 7.15 4.06
CA THR A 613 -8.82 8.04 5.19
C THR A 613 -10.17 7.61 5.78
N ALA A 614 -11.09 7.21 4.90
CA ALA A 614 -12.47 6.96 5.28
C ALA A 614 -12.46 5.67 6.04
N TYR A 615 -11.57 4.77 5.64
CA TYR A 615 -11.56 3.42 6.17
C TYR A 615 -11.07 3.59 7.57
N LEU A 616 -10.11 4.51 7.73
CA LEU A 616 -9.42 4.66 8.99
C LEU A 616 -10.37 5.26 10.00
N HIS A 617 -11.23 6.17 9.56
CA HIS A 617 -12.14 6.85 10.44
C HIS A 617 -13.18 5.87 10.90
N LEU A 618 -13.59 4.97 10.02
CA LEU A 618 -14.67 4.07 10.36
C LEU A 618 -14.09 3.08 11.35
N ARG A 619 -12.83 2.72 11.15
CA ARG A 619 -12.18 1.74 11.99
C ARG A 619 -12.27 2.27 13.39
N ARG A 620 -12.14 3.60 13.52
CA ARG A 620 -12.10 4.30 14.80
C ARG A 620 -13.46 4.27 15.49
N HIS A 621 -14.52 4.23 14.71
CA HIS A 621 -15.84 4.47 15.28
C HIS A 621 -16.61 3.17 15.28
N ALA A 622 -15.84 2.08 15.44
CA ALA A 622 -16.31 0.72 15.29
C ALA A 622 -17.53 0.41 16.17
N ASN A 623 -17.34 0.60 17.47
CA ASN A 623 -18.29 0.18 18.50
C ASN A 623 -19.74 0.39 18.14
N VAL A 624 -20.07 1.53 17.54
CA VAL A 624 -21.46 1.89 17.32
C VAL A 624 -22.03 0.89 16.35
N MET A 625 -21.30 0.62 15.27
CA MET A 625 -21.83 -0.23 14.21
C MET A 625 -21.91 -1.62 14.77
N LEU A 626 -20.91 -2.01 15.57
CA LEU A 626 -20.84 -3.38 16.07
C LEU A 626 -21.98 -3.59 17.04
N ASN A 627 -22.36 -2.53 17.73
CA ASN A 627 -23.38 -2.60 18.78
C ASN A 627 -24.75 -2.68 18.16
N LEU A 628 -24.90 -2.05 16.99
CA LEU A 628 -26.19 -2.02 16.31
C LEU A 628 -26.39 -3.40 15.72
N PHE A 629 -25.30 -4.05 15.32
CA PHE A 629 -25.34 -5.38 14.67
C PHE A 629 -25.59 -6.44 15.73
N SER A 630 -25.01 -6.22 16.92
CA SER A 630 -25.17 -7.10 18.06
C SER A 630 -26.68 -7.17 18.30
N LEU A 631 -27.37 -6.09 17.97
CA LEU A 631 -28.77 -5.93 18.32
C LEU A 631 -29.67 -6.46 17.20
N MET A 632 -29.07 -6.70 16.04
CA MET A 632 -29.81 -7.20 14.89
C MET A 632 -29.63 -8.70 14.69
N VAL A 633 -29.28 -9.43 15.76
CA VAL A 633 -29.02 -10.86 15.63
C VAL A 633 -30.28 -11.62 15.27
N ASP A 634 -31.36 -11.40 16.02
CA ASP A 634 -32.62 -12.08 15.79
C ASP A 634 -33.51 -11.27 14.85
N ALA A 635 -32.85 -10.58 13.93
CA ALA A 635 -33.39 -9.42 13.22
C ALA A 635 -34.39 -9.63 12.08
N THR A 636 -34.54 -10.85 11.56
CA THR A 636 -35.43 -11.06 10.40
C THR A 636 -35.05 -10.23 9.13
N VAL A 637 -33.75 -10.03 8.98
CA VAL A 637 -33.11 -9.59 7.75
C VAL A 637 -32.47 -10.86 7.18
N PRO A 638 -32.89 -11.29 5.98
CA PRO A 638 -32.50 -12.58 5.38
C PRO A 638 -31.02 -12.94 5.42
N ASP A 639 -30.15 -12.03 4.97
CA ASP A 639 -28.69 -12.26 4.99
C ASP A 639 -28.10 -12.54 6.37
N ILE A 640 -28.75 -12.00 7.41
CA ILE A 640 -28.37 -12.17 8.82
C ILE A 640 -29.00 -13.49 9.28
N ALA A 641 -30.10 -13.87 8.64
CA ALA A 641 -30.91 -14.97 9.13
C ALA A 641 -30.20 -16.30 8.90
N LEU A 642 -29.31 -16.36 7.91
CA LEU A 642 -28.63 -17.60 7.50
C LEU A 642 -27.68 -18.13 8.57
N GLU A 643 -26.90 -17.23 9.14
CA GLU A 643 -26.31 -17.49 10.43
C GLU A 643 -26.34 -16.21 11.24
N PRO A 644 -27.28 -16.14 12.22
CA PRO A 644 -27.32 -15.05 13.18
C PRO A 644 -25.92 -14.63 13.68
N ASP A 645 -25.17 -15.59 14.21
CA ASP A 645 -23.92 -15.32 14.92
C ASP A 645 -22.83 -14.80 14.03
N LYS A 646 -22.71 -15.40 12.84
CA LYS A 646 -21.59 -15.13 11.96
C LYS A 646 -21.64 -13.70 11.42
N ALA A 647 -22.85 -13.13 11.33
CA ALA A 647 -23.12 -11.78 10.83
C ALA A 647 -22.40 -10.65 11.56
N VAL A 648 -22.35 -10.71 12.88
CA VAL A 648 -21.74 -9.65 13.69
C VAL A 648 -20.25 -9.83 13.49
N LYS A 649 -19.84 -11.10 13.42
CA LYS A 649 -18.44 -11.47 13.36
C LYS A 649 -17.88 -11.02 12.01
N LYS A 650 -18.72 -11.03 10.97
CA LYS A 650 -18.24 -10.81 9.62
C LYS A 650 -17.91 -9.35 9.45
N VAL A 651 -18.69 -8.48 10.08
CA VAL A 651 -18.52 -7.05 9.90
C VAL A 651 -17.26 -6.69 10.65
N GLU A 652 -16.96 -7.45 11.68
CA GLU A 652 -15.87 -7.14 12.58
C GLU A 652 -14.60 -7.51 11.81
N GLU A 653 -14.70 -8.55 10.99
CA GLU A 653 -13.56 -9.13 10.32
C GLU A 653 -13.21 -8.14 9.22
N ASN A 654 -14.23 -7.54 8.62
CA ASN A 654 -14.04 -6.62 7.50
C ASN A 654 -13.39 -5.34 8.00
N LEU A 655 -13.63 -5.04 9.27
CA LEU A 655 -13.26 -3.76 9.80
C LEU A 655 -11.79 -3.80 10.04
N GLN A 656 -11.30 -5.02 10.31
CA GLN A 656 -9.88 -5.32 10.38
C GLN A 656 -9.21 -4.70 11.60
N LEU A 657 -9.91 -4.76 12.73
CA LEU A 657 -9.52 -4.01 13.91
C LEU A 657 -8.18 -4.43 14.51
N GLY A 658 -7.79 -5.68 14.27
CA GLY A 658 -6.55 -6.20 14.80
C GLY A 658 -5.38 -5.39 14.31
N LEU A 659 -5.38 -5.11 13.03
CA LEU A 659 -4.22 -4.49 12.38
C LEU A 659 -3.93 -3.11 12.89
N THR A 660 -2.66 -2.77 12.95
CA THR A 660 -2.26 -1.39 13.10
C THR A 660 -2.70 -0.58 11.88
N ASP A 661 -2.80 0.73 12.06
CA ASP A 661 -3.23 1.70 11.05
C ASP A 661 -2.49 1.63 9.73
N GLU A 662 -1.19 1.38 9.79
CA GLU A 662 -0.36 1.38 8.60
C GLU A 662 -0.68 0.08 7.92
N GLU A 663 -0.99 -0.93 8.72
CA GLU A 663 -1.24 -2.29 8.26
C GLU A 663 -2.62 -2.35 7.62
N ALA A 664 -3.55 -1.56 8.12
CA ALA A 664 -4.94 -1.56 7.69
C ALA A 664 -5.01 -0.86 6.35
N VAL A 665 -4.25 0.20 6.19
CA VAL A 665 -4.28 0.97 4.96
C VAL A 665 -3.67 0.09 3.91
N GLN A 666 -2.67 -0.71 4.27
CA GLN A 666 -1.91 -1.49 3.29
C GLN A 666 -2.81 -2.58 2.81
N HIS A 667 -3.66 -3.05 3.72
CA HIS A 667 -4.49 -4.19 3.48
C HIS A 667 -5.57 -3.74 2.52
N LEU A 668 -6.09 -2.53 2.75
CA LEU A 668 -7.22 -2.02 1.99
C LEU A 668 -6.70 -1.78 0.60
N GLN A 669 -5.47 -1.27 0.54
CA GLN A 669 -4.84 -0.92 -0.71
C GLN A 669 -4.76 -2.18 -1.54
N SER A 670 -4.54 -3.30 -0.86
CA SER A 670 -4.30 -4.55 -1.55
C SER A 670 -5.60 -4.98 -2.21
N LEU A 671 -6.74 -4.75 -1.56
CA LEU A 671 -8.00 -5.23 -2.07
C LEU A 671 -8.34 -4.38 -3.26
N LEU A 672 -8.13 -3.08 -3.13
CA LEU A 672 -8.49 -2.17 -4.21
C LEU A 672 -7.70 -2.56 -5.43
N ASP A 673 -6.44 -2.90 -5.22
CA ASP A 673 -5.55 -3.17 -6.32
C ASP A 673 -5.93 -4.43 -7.07
N VAL A 674 -6.37 -5.50 -6.40
CA VAL A 674 -6.66 -6.77 -7.09
C VAL A 674 -7.88 -6.52 -7.92
N SER A 675 -8.76 -5.69 -7.39
CA SER A 675 -10.08 -5.53 -7.95
C SER A 675 -9.90 -4.71 -9.20
N ILE A 676 -9.02 -3.73 -9.16
CA ILE A 676 -8.87 -2.78 -10.26
C ILE A 676 -8.10 -3.46 -11.37
N THR A 677 -7.19 -4.36 -11.03
CA THR A 677 -6.37 -4.99 -12.05
C THR A 677 -7.31 -5.91 -12.80
N ALA A 678 -8.28 -6.48 -12.11
CA ALA A 678 -9.14 -7.48 -12.70
C ALA A 678 -10.03 -6.77 -13.69
N VAL A 679 -10.33 -5.52 -13.37
CA VAL A 679 -11.27 -4.70 -14.10
C VAL A 679 -10.71 -4.12 -15.40
N MET A 680 -9.47 -3.66 -15.37
CA MET A 680 -8.85 -3.05 -16.54
C MET A 680 -8.21 -4.10 -17.45
N PRO A 681 -8.39 -3.95 -18.76
CA PRO A 681 -7.86 -4.91 -19.73
C PRO A 681 -6.35 -4.76 -19.96
N ALA A 682 -5.88 -3.52 -20.04
CA ALA A 682 -4.47 -3.19 -20.17
C ALA A 682 -3.67 -3.82 -19.05
N LEU A 683 -4.28 -3.89 -17.87
CA LEU A 683 -3.62 -4.36 -16.65
C LEU A 683 -3.55 -5.85 -16.74
N VAL A 684 -4.54 -6.44 -17.39
CA VAL A 684 -4.65 -7.89 -17.49
C VAL A 684 -3.66 -8.38 -18.56
N GLU A 685 -3.42 -7.59 -19.61
CA GLU A 685 -2.55 -8.03 -20.71
C GLU A 685 -1.13 -7.84 -20.20
N GLN A 686 -0.95 -6.82 -19.37
CA GLN A 686 0.36 -6.50 -18.85
C GLN A 686 0.76 -7.63 -17.91
N ILE A 687 -0.18 -8.16 -17.14
CA ILE A 687 0.12 -9.23 -16.20
C ILE A 687 0.48 -10.48 -16.97
N HIS A 688 -0.18 -10.70 -18.11
CA HIS A 688 0.07 -11.88 -18.92
C HIS A 688 1.50 -11.76 -19.38
N ARG A 689 1.94 -10.53 -19.66
CA ARG A 689 3.28 -10.26 -20.19
C ARG A 689 4.32 -10.57 -19.12
N PHE A 690 3.96 -10.37 -17.86
CA PHE A 690 4.91 -10.55 -16.75
C PHE A 690 5.02 -12.04 -16.51
N THR A 691 3.91 -12.75 -16.75
CA THR A 691 3.83 -14.19 -16.53
C THR A 691 4.77 -14.80 -17.57
N GLN A 692 4.82 -14.14 -18.72
CA GLN A 692 5.44 -14.65 -19.91
C GLN A 692 6.91 -14.45 -19.76
N TYR A 693 7.28 -13.45 -18.98
CA TYR A 693 8.65 -13.01 -18.84
C TYR A 693 9.59 -14.10 -18.32
N TRP A 694 9.07 -14.98 -17.47
CA TRP A 694 9.83 -16.13 -16.99
C TRP A 694 9.68 -17.34 -17.93
N ARG A 695 9.03 -17.09 -19.06
CA ARG A 695 8.72 -18.07 -20.11
C ARG A 695 7.76 -19.18 -19.64
N ALA B 38 13.72 29.37 14.54
CA ALA B 38 12.91 29.32 15.80
C ALA B 38 11.91 28.15 15.81
N SER B 39 10.61 28.48 15.82
CA SER B 39 9.56 27.51 16.11
C SER B 39 9.03 26.75 14.90
N ILE B 40 8.38 27.46 13.98
CA ILE B 40 7.73 26.84 12.80
C ILE B 40 8.65 26.81 11.56
N ARG B 41 9.54 27.79 11.45
CA ARG B 41 10.51 27.92 10.35
C ARG B 41 11.59 26.84 10.39
N ASP B 42 11.79 26.26 11.56
CA ASP B 42 12.79 25.22 11.77
C ASP B 42 12.45 23.94 11.04
N GLN B 43 11.20 23.50 11.11
CA GLN B 43 10.79 22.21 10.55
C GLN B 43 11.08 22.14 9.06
N LEU B 44 10.76 23.22 8.34
CA LEU B 44 11.03 23.33 6.91
C LEU B 44 12.53 23.37 6.62
N HIS B 45 13.30 23.96 7.53
CA HIS B 45 14.76 23.92 7.44
C HIS B 45 15.25 22.48 7.58
N THR B 46 14.83 21.83 8.67
CA THR B 46 15.24 20.47 8.98
C THR B 46 14.79 19.51 7.88
N ILE B 47 13.64 19.77 7.25
CA ILE B 47 13.21 18.94 6.12
C ILE B 47 14.12 19.10 4.90
N VAL B 48 14.52 20.33 4.58
CA VAL B 48 15.32 20.55 3.37
C VAL B 48 16.74 19.99 3.48
N TYR B 49 17.31 20.04 4.68
CA TYR B 49 18.66 19.53 4.89
C TYR B 49 18.69 17.99 4.86
N ARG B 50 17.64 17.37 5.36
CA ARG B 50 17.57 15.90 5.49
C ARG B 50 17.01 15.18 4.26
N TYR B 51 16.05 15.81 3.58
CA TYR B 51 15.18 15.09 2.63
C TYR B 51 15.57 15.03 1.15
N PRO B 52 16.02 16.15 0.55
CA PRO B 52 16.44 16.01 -0.84
C PRO B 52 17.95 15.84 -1.01
N PRO B 53 18.37 15.01 -1.95
CA PRO B 53 19.77 14.72 -2.25
C PRO B 53 20.42 15.76 -3.17
N THR B 54 19.63 16.31 -4.09
CA THR B 54 20.04 17.42 -4.96
C THR B 54 18.78 18.21 -5.30
N TYR B 55 18.80 19.53 -5.10
CA TYR B 55 17.61 20.34 -5.40
C TYR B 55 17.79 21.66 -6.15
N VAL B 56 17.22 21.70 -7.36
CA VAL B 56 17.02 22.94 -8.12
C VAL B 56 16.11 23.83 -7.29
N LEU B 57 15.11 23.18 -6.69
CA LEU B 57 13.95 23.83 -6.09
C LEU B 57 14.31 24.82 -5.00
N SER B 58 13.39 25.76 -4.81
CA SER B 58 13.46 26.69 -3.71
C SER B 58 14.69 27.56 -3.89
N SER B 59 14.75 28.25 -5.03
CA SER B 59 15.83 29.18 -5.28
C SER B 59 15.62 30.42 -4.43
N GLU B 60 14.36 30.79 -4.24
CA GLU B 60 13.95 31.81 -3.29
C GLU B 60 14.18 31.30 -1.88
N GLU B 61 13.97 29.99 -1.71
CA GLU B 61 14.18 29.30 -0.44
C GLU B 61 15.66 29.32 -0.06
N GLN B 62 16.54 29.18 -1.06
CA GLN B 62 17.99 29.20 -0.88
C GLN B 62 18.46 30.55 -0.30
N ASP B 63 17.84 31.61 -0.81
CA ASP B 63 18.12 32.97 -0.39
C ASP B 63 17.47 33.22 0.96
N LEU B 64 16.35 32.52 1.21
CA LEU B 64 15.70 32.56 2.51
C LEU B 64 16.56 31.86 3.55
N VAL B 65 17.10 30.70 3.20
CA VAL B 65 17.97 29.96 4.13
C VAL B 65 19.13 30.83 4.57
N TRP B 66 19.73 31.56 3.62
CA TRP B 66 20.88 32.38 3.93
C TRP B 66 20.76 33.05 5.28
N LYS B 67 19.72 33.87 5.44
CA LYS B 67 19.60 34.68 6.65
C LYS B 67 19.71 33.81 7.91
N PHE B 68 19.03 32.66 7.93
CA PHE B 68 19.12 31.78 9.09
C PHE B 68 20.22 30.72 8.96
N ARG B 69 20.73 30.55 7.73
CA ARG B 69 21.87 29.63 7.47
C ARG B 69 23.10 30.05 8.23
N PHE B 70 23.46 31.33 8.06
CA PHE B 70 24.63 31.91 8.68
C PHE B 70 24.69 31.50 10.13
N TYR B 71 23.55 31.65 10.82
CA TYR B 71 23.49 31.53 12.28
C TYR B 71 23.48 30.09 12.78
N LEU B 72 22.54 29.27 12.30
CA LEU B 72 22.51 27.88 12.69
C LEU B 72 23.91 27.33 12.50
N SER B 73 24.34 27.26 11.23
CA SER B 73 25.69 26.80 10.84
C SER B 73 26.21 25.64 11.69
N SER B 74 25.28 24.99 12.39
CA SER B 74 25.59 24.01 13.42
C SER B 74 25.91 22.70 12.76
N HIS B 75 24.99 22.23 11.92
CA HIS B 75 25.22 20.92 11.33
C HIS B 75 25.61 20.89 9.86
N LYS B 76 26.54 19.98 9.58
CA LYS B 76 27.27 19.88 8.31
C LYS B 76 26.42 19.62 7.06
N LYS B 77 25.37 18.82 7.19
CA LYS B 77 24.54 18.48 6.04
C LYS B 77 23.88 19.74 5.49
N ALA B 78 23.68 20.72 6.38
CA ALA B 78 23.17 22.04 6.03
C ALA B 78 24.18 22.73 5.12
N LEU B 79 25.45 22.61 5.47
CA LEU B 79 26.53 23.19 4.69
C LEU B 79 26.41 22.85 3.20
N THR B 80 26.22 21.58 2.87
CA THR B 80 26.11 21.13 1.47
C THR B 80 25.05 21.88 0.67
N LYS B 81 23.88 22.06 1.27
CA LYS B 81 22.77 22.73 0.62
C LYS B 81 23.12 24.19 0.47
N PHE B 82 23.77 24.73 1.50
CA PHE B 82 24.17 26.14 1.55
C PHE B 82 25.05 26.52 0.36
N LEU B 83 26.10 25.74 0.10
CA LEU B 83 27.05 26.12 -0.97
C LEU B 83 26.36 26.23 -2.30
N LYS B 84 25.29 25.46 -2.46
CA LYS B 84 24.65 25.31 -3.76
C LYS B 84 24.13 26.65 -4.30
N CYS B 85 23.46 27.40 -3.43
CA CYS B 85 22.73 28.60 -3.80
C CYS B 85 23.59 29.80 -4.19
N ILE B 86 24.67 30.01 -3.47
CA ILE B 86 25.42 31.27 -3.47
C ILE B 86 26.31 31.54 -4.68
N ASN B 87 26.74 30.50 -5.38
CA ASN B 87 27.78 30.67 -6.41
C ASN B 87 27.28 31.16 -7.77
N TRP B 88 26.06 30.74 -8.13
CA TRP B 88 25.32 31.38 -9.21
C TRP B 88 25.16 32.85 -8.84
N LYS B 89 24.88 33.08 -7.55
CA LYS B 89 24.86 34.42 -6.98
C LYS B 89 26.27 35.06 -7.09
N LEU B 90 26.29 36.38 -7.28
CA LEU B 90 27.52 37.11 -7.65
C LEU B 90 28.67 37.03 -6.63
N GLU B 91 29.80 37.64 -7.01
CA GLU B 91 31.12 37.38 -6.43
C GLU B 91 31.47 37.82 -4.99
N ASP B 92 31.00 38.99 -4.57
CA ASP B 92 31.46 39.54 -3.28
C ASP B 92 30.94 38.74 -2.10
N GLU B 93 29.78 38.13 -2.29
CA GLU B 93 29.17 37.18 -1.36
C GLU B 93 29.89 35.85 -1.35
N VAL B 94 30.51 35.53 -2.49
CA VAL B 94 31.31 34.32 -2.68
C VAL B 94 32.51 34.30 -1.70
N THR B 95 33.21 35.42 -1.57
CA THR B 95 34.31 35.53 -0.61
C THR B 95 33.81 35.41 0.83
N GLN B 96 32.59 35.90 1.09
CA GLN B 96 31.96 35.84 2.40
C GLN B 96 31.60 34.40 2.72
N ALA B 97 31.16 33.69 1.68
CA ALA B 97 30.75 32.29 1.79
C ALA B 97 31.92 31.38 2.10
N LEU B 98 33.11 31.74 1.62
CA LEU B 98 34.31 30.97 1.91
C LEU B 98 34.65 31.07 3.39
N TRP B 99 34.51 32.27 3.97
CA TRP B 99 34.69 32.41 5.41
C TRP B 99 33.65 31.57 6.12
N MET B 100 32.43 31.61 5.59
CA MET B 100 31.37 30.73 6.05
C MET B 100 31.75 29.26 5.85
N LEU B 101 32.31 28.96 4.67
CA LEU B 101 32.69 27.59 4.32
C LEU B 101 33.82 27.12 5.21
N ALA B 102 34.87 27.92 5.28
CA ALA B 102 36.06 27.58 6.04
C ALA B 102 35.69 27.28 7.49
N ASN B 103 34.76 28.05 8.02
CA ASN B 103 34.31 27.87 9.39
C ASN B 103 33.33 26.72 9.58
N TRP B 104 32.54 26.39 8.55
CA TRP B 104 31.44 25.44 8.76
C TRP B 104 31.92 24.09 9.28
N ALA B 105 31.11 23.50 10.15
CA ALA B 105 31.29 22.14 10.67
C ALA B 105 31.60 21.14 9.54
N PRO B 106 32.65 20.34 9.72
CA PRO B 106 33.24 19.56 8.63
C PRO B 106 32.30 18.48 8.09
N MET B 107 32.32 18.29 6.78
CA MET B 107 31.41 17.35 6.12
C MET B 107 31.82 15.91 6.32
N ASP B 108 30.85 15.01 6.25
CA ASP B 108 31.13 13.58 6.10
C ASP B 108 31.55 13.42 4.64
N VAL B 109 32.27 12.35 4.36
CA VAL B 109 32.94 12.15 3.08
C VAL B 109 32.00 12.17 1.87
N GLU B 110 30.80 11.61 2.04
CA GLU B 110 29.82 11.43 0.96
C GLU B 110 29.43 12.75 0.31
N ASP B 111 29.15 13.75 1.15
CA ASP B 111 28.78 15.07 0.68
C ASP B 111 29.89 15.65 -0.20
N ALA B 112 31.12 15.22 0.06
CA ALA B 112 32.28 15.71 -0.68
C ALA B 112 32.34 15.14 -2.08
N LEU B 113 31.93 13.89 -2.25
CA LEU B 113 31.89 13.30 -3.59
C LEU B 113 30.93 14.15 -4.38
N GLU B 114 29.92 14.66 -3.69
CA GLU B 114 28.95 15.58 -4.26
C GLU B 114 29.60 16.89 -4.70
N LEU B 115 30.64 17.33 -4.00
CA LEU B 115 31.27 18.61 -4.36
C LEU B 115 32.28 18.46 -5.47
N LEU B 116 32.92 17.29 -5.57
CA LEU B 116 33.81 16.98 -6.68
C LEU B 116 32.99 16.90 -7.96
N SER B 117 31.67 17.07 -7.80
CA SER B 117 30.73 17.02 -8.90
C SER B 117 31.12 17.95 -10.02
N PRO B 118 30.69 17.62 -11.23
CA PRO B 118 30.88 18.49 -12.39
C PRO B 118 30.08 19.76 -12.20
N THR B 119 29.05 19.67 -11.36
CA THR B 119 28.12 20.76 -11.10
C THR B 119 28.83 21.98 -10.48
N PHE B 120 29.63 21.79 -9.44
CA PHE B 120 30.37 22.91 -8.84
C PHE B 120 31.76 23.08 -9.45
N THR B 121 31.95 24.20 -10.14
CA THR B 121 33.18 24.50 -10.87
C THR B 121 34.29 25.01 -9.98
N HIS B 122 33.90 25.70 -8.90
CA HIS B 122 34.84 26.53 -8.14
C HIS B 122 36.03 25.81 -7.46
N PRO B 123 37.24 26.37 -7.59
CA PRO B 123 38.51 25.77 -7.12
C PRO B 123 38.70 25.59 -5.60
N GLN B 124 38.23 26.54 -4.80
CA GLN B 124 38.42 26.50 -3.34
C GLN B 124 37.62 25.38 -2.70
N VAL B 125 36.44 25.10 -3.24
CA VAL B 125 35.59 24.05 -2.70
C VAL B 125 36.23 22.68 -2.94
N ARG B 126 36.86 22.53 -4.09
CA ARG B 126 37.50 21.27 -4.47
C ARG B 126 38.67 20.95 -3.56
N LYS B 127 39.38 21.99 -3.11
CA LYS B 127 40.36 21.83 -2.05
C LYS B 127 39.64 21.34 -0.80
N TYR B 128 38.52 21.96 -0.46
CA TYR B 128 37.79 21.58 0.72
C TYR B 128 37.37 20.12 0.61
N ALA B 129 36.78 19.75 -0.53
CA ALA B 129 36.32 18.38 -0.75
C ALA B 129 37.46 17.37 -0.61
N VAL B 130 38.61 17.69 -1.16
CA VAL B 130 39.78 16.80 -1.10
C VAL B 130 40.31 16.68 0.33
N SER B 131 40.26 17.77 1.10
CA SER B 131 40.67 17.74 2.49
C SER B 131 39.75 16.80 3.25
N ARG B 132 38.48 16.81 2.85
CA ARG B 132 37.47 15.91 3.38
C ARG B 132 37.84 14.47 3.06
N LEU B 133 38.26 14.24 1.83
CA LEU B 133 38.69 12.91 1.39
C LEU B 133 39.92 12.48 2.15
N ALA B 134 40.84 13.41 2.36
CA ALA B 134 42.06 13.13 3.13
C ALA B 134 41.71 12.46 4.45
N GLN B 135 40.62 12.91 5.05
CA GLN B 135 40.18 12.41 6.36
C GLN B 135 39.72 10.97 6.32
N ALA B 136 39.19 10.55 5.19
CA ALA B 136 38.64 9.20 5.05
C ALA B 136 39.70 8.15 5.29
N PRO B 137 39.35 7.12 6.08
CA PRO B 137 40.18 5.93 6.24
C PRO B 137 40.26 5.21 4.90
N ASP B 138 41.38 4.54 4.63
CA ASP B 138 41.67 3.99 3.29
C ASP B 138 40.58 3.14 2.67
N GLU B 139 39.88 2.37 3.50
CA GLU B 139 38.81 1.49 3.01
C GLU B 139 37.68 2.26 2.32
N ASP B 140 37.34 3.42 2.86
CA ASP B 140 36.29 4.23 2.27
C ASP B 140 36.74 4.73 0.93
N LEU B 141 38.00 5.17 0.85
CA LEU B 141 38.56 5.62 -0.41
C LEU B 141 38.62 4.48 -1.41
N LEU B 142 38.91 3.29 -0.92
CA LEU B 142 38.92 2.13 -1.78
C LEU B 142 37.55 1.97 -2.42
N LEU B 143 36.48 2.15 -1.64
CA LEU B 143 35.12 2.00 -2.15
C LEU B 143 34.76 3.01 -3.23
N TYR B 144 35.20 4.26 -3.05
CA TYR B 144 34.80 5.36 -3.93
C TYR B 144 35.73 5.55 -5.13
N LEU B 145 36.68 4.63 -5.28
CA LEU B 145 37.74 4.82 -6.25
C LEU B 145 37.20 5.03 -7.66
N LEU B 146 36.33 4.16 -8.14
CA LEU B 146 35.77 4.29 -9.50
C LEU B 146 35.35 5.73 -9.72
N GLN B 147 34.59 6.24 -8.76
CA GLN B 147 34.00 7.57 -8.83
C GLN B 147 35.07 8.64 -8.81
N LEU B 148 36.14 8.40 -8.07
CA LEU B 148 37.21 9.38 -7.99
C LEU B 148 37.96 9.51 -9.30
N VAL B 149 38.20 8.39 -9.98
CA VAL B 149 38.85 8.42 -11.27
C VAL B 149 37.96 9.23 -12.22
N GLN B 150 36.66 9.01 -12.15
CA GLN B 150 35.72 9.82 -12.92
C GLN B 150 35.85 11.31 -12.59
N ALA B 151 35.97 11.62 -11.30
CA ALA B 151 36.10 13.00 -10.84
C ALA B 151 37.29 13.69 -11.47
N LEU B 152 38.24 12.90 -11.94
CA LEU B 152 39.39 13.42 -12.67
C LEU B 152 38.96 14.09 -13.97
N LYS B 153 37.93 13.52 -14.62
CA LYS B 153 37.43 14.06 -15.89
C LYS B 153 37.01 15.51 -15.69
N TYR B 154 36.49 15.78 -14.50
CA TYR B 154 36.15 17.14 -14.11
C TYR B 154 37.43 17.88 -13.83
N GLU B 155 37.52 19.05 -14.43
CA GLU B 155 38.71 19.90 -14.45
C GLU B 155 39.33 20.02 -13.05
N ASP B 156 40.51 20.64 -12.94
CA ASP B 156 41.13 21.42 -13.99
C ASP B 156 42.31 20.68 -14.63
N PRO B 157 42.42 20.73 -15.99
CA PRO B 157 43.56 20.18 -16.72
C PRO B 157 44.87 20.87 -16.36
N ARG B 158 44.79 22.18 -16.07
CA ARG B 158 45.93 22.98 -15.64
C ARG B 158 46.62 22.40 -14.41
N HIS B 159 45.83 21.73 -13.56
CA HIS B 159 46.35 21.08 -12.36
C HIS B 159 47.25 19.91 -12.74
N ILE B 160 46.84 19.17 -13.77
CA ILE B 160 47.58 18.00 -14.25
C ILE B 160 48.85 18.42 -14.97
N VAL B 161 48.73 19.46 -15.79
CA VAL B 161 49.86 19.95 -16.59
C VAL B 161 50.95 20.61 -15.72
N HIS B 162 50.54 21.27 -14.63
CA HIS B 162 51.47 21.86 -13.67
C HIS B 162 52.26 20.75 -12.98
N LEU B 163 51.56 19.71 -12.57
CA LEU B 163 52.20 18.57 -11.90
C LEU B 163 53.10 17.85 -12.89
N HIS B 164 52.65 17.76 -14.14
CA HIS B 164 53.44 17.19 -15.23
C HIS B 164 54.69 18.03 -15.47
N GLY B 165 54.51 19.35 -15.53
CA GLY B 165 55.62 20.30 -15.66
C GLY B 165 56.54 20.25 -14.45
N CYS B 166 56.00 19.75 -13.34
CA CYS B 166 56.75 19.66 -12.09
C CYS B 166 57.65 18.42 -12.06
N ILE B 167 57.29 17.37 -12.80
CA ILE B 167 58.08 16.14 -12.77
C ILE B 167 58.82 15.89 -14.10
N PHE B 168 58.77 16.87 -15.01
CA PHE B 168 59.24 16.66 -16.39
C PHE B 168 60.13 17.81 -16.94
N PRO B 169 60.67 17.66 -18.19
CA PRO B 169 61.75 18.55 -18.65
C PRO B 169 61.31 20.02 -18.78
N GLU B 170 60.15 20.24 -19.41
CA GLU B 170 59.56 21.58 -19.62
C GLU B 170 60.55 22.64 -20.16
N ALA B 278 45.73 17.82 -0.12
CA ALA B 278 46.39 18.76 -1.04
C ALA B 278 45.46 19.28 -2.16
N ASN B 279 45.66 18.74 -3.37
CA ASN B 279 44.83 19.03 -4.54
C ASN B 279 44.59 17.70 -5.23
N LEU B 280 43.52 17.60 -6.02
CA LEU B 280 42.96 16.26 -6.33
C LEU B 280 43.88 15.16 -6.86
N CYS B 281 44.39 15.29 -8.08
CA CYS B 281 45.22 14.23 -8.65
C CYS B 281 46.40 13.90 -7.74
N THR B 282 47.09 14.94 -7.27
CA THR B 282 48.19 14.78 -6.31
C THR B 282 47.72 13.90 -5.14
N PHE B 283 46.54 14.22 -4.60
CA PHE B 283 46.02 13.52 -3.44
C PHE B 283 45.95 12.04 -3.74
N LEU B 284 45.31 11.71 -4.85
CA LEU B 284 45.12 10.32 -5.26
C LEU B 284 46.43 9.58 -5.41
N ILE B 285 47.43 10.26 -5.93
CA ILE B 285 48.75 9.68 -6.12
C ILE B 285 49.42 9.46 -4.78
N GLN B 286 49.55 10.53 -4.01
CA GLN B 286 50.17 10.46 -2.71
C GLN B 286 49.50 9.35 -1.91
N ARG B 287 48.17 9.27 -2.00
CA ARG B 287 47.37 8.24 -1.33
C ARG B 287 47.67 6.84 -1.82
N ALA B 288 47.81 6.71 -3.13
CA ALA B 288 48.04 5.41 -3.74
C ALA B 288 49.36 4.85 -3.27
N CYS B 289 50.37 5.71 -3.18
CA CYS B 289 51.72 5.30 -2.82
C CYS B 289 51.81 4.91 -1.35
N THR B 290 50.97 5.52 -0.53
CA THR B 290 50.87 5.23 0.90
C THR B 290 50.56 3.75 1.12
N ASN B 291 49.57 3.24 0.38
CA ASN B 291 49.03 1.91 0.60
C ASN B 291 48.97 1.11 -0.70
N ALA B 292 49.40 -0.14 -0.63
CA ALA B 292 49.59 -1.00 -1.81
C ALA B 292 48.31 -1.45 -2.47
N THR B 293 47.37 -1.97 -1.69
CA THR B 293 46.05 -2.36 -2.22
C THR B 293 45.40 -1.20 -3.00
N LEU B 294 45.41 -0.01 -2.40
CA LEU B 294 44.94 1.22 -3.01
C LEU B 294 45.63 1.43 -4.34
N ALA B 295 46.96 1.32 -4.33
CA ALA B 295 47.78 1.50 -5.52
C ALA B 295 47.36 0.53 -6.63
N ASN B 296 47.21 -0.74 -6.29
CA ASN B 296 46.78 -1.72 -7.26
C ASN B 296 45.53 -1.25 -7.98
N TYR B 297 44.48 -0.97 -7.22
CA TYR B 297 43.21 -0.63 -7.82
C TYR B 297 43.33 0.62 -8.66
N PHE B 298 44.09 1.59 -8.16
CA PHE B 298 44.30 2.83 -8.88
C PHE B 298 44.95 2.55 -10.23
N TYR B 299 45.92 1.65 -10.26
CA TYR B 299 46.57 1.32 -11.50
C TYR B 299 45.60 0.78 -12.54
N TRP B 300 44.76 -0.18 -12.16
CA TRP B 300 43.88 -0.87 -13.11
C TRP B 300 42.75 -0.02 -13.63
N TYR B 301 42.38 1.01 -12.87
CA TYR B 301 41.33 1.94 -13.27
C TYR B 301 41.90 2.94 -14.25
N LEU B 302 43.11 3.38 -13.95
CA LEU B 302 43.84 4.23 -14.87
C LEU B 302 44.12 3.48 -16.18
N SER B 303 44.66 2.26 -16.06
CA SER B 303 44.99 1.40 -17.18
C SER B 303 43.90 1.28 -18.24
N ILE B 304 42.65 1.12 -17.81
CA ILE B 304 41.58 0.92 -18.77
C ILE B 304 41.25 2.21 -19.52
N GLU B 305 41.31 3.36 -18.85
CA GLU B 305 40.93 4.63 -19.48
C GLU B 305 41.81 4.99 -20.68
N VAL B 306 43.05 4.50 -20.66
CA VAL B 306 44.07 4.93 -21.62
C VAL B 306 44.20 4.04 -22.85
N GLU B 307 43.73 2.80 -22.76
CA GLU B 307 43.94 1.81 -23.81
C GLU B 307 43.59 2.28 -25.24
N LYS B 314 34.12 13.51 -29.74
CA LYS B 314 35.15 14.46 -30.16
C LYS B 314 35.80 15.20 -28.97
N GLN B 315 35.20 15.05 -27.78
CA GLN B 315 35.77 15.60 -26.53
C GLN B 315 36.24 14.46 -25.62
N ASP B 316 35.87 13.23 -26.00
CA ASP B 316 36.32 11.99 -25.37
C ASP B 316 37.85 11.76 -25.48
N GLU B 317 38.42 12.06 -26.66
CA GLU B 317 39.86 11.95 -26.94
C GLU B 317 40.71 12.82 -26.01
N ARG B 318 40.25 14.04 -25.72
CA ARG B 318 40.97 14.96 -24.84
C ARG B 318 40.94 14.52 -23.38
N ALA B 319 39.83 13.92 -22.97
CA ALA B 319 39.71 13.34 -21.64
C ALA B 319 40.60 12.11 -21.52
N HIS B 320 40.64 11.29 -22.57
CA HIS B 320 41.51 10.13 -22.66
C HIS B 320 42.97 10.56 -22.48
N ASP B 321 43.38 11.58 -23.24
CA ASP B 321 44.76 12.07 -23.23
C ASP B 321 45.15 12.49 -21.83
N MET B 322 44.27 13.22 -21.17
CA MET B 322 44.48 13.63 -19.79
C MET B 322 44.74 12.41 -18.89
N TYR B 323 43.86 11.41 -18.98
CA TYR B 323 43.99 10.19 -18.19
C TYR B 323 45.36 9.58 -18.38
N ALA B 324 45.82 9.57 -19.62
CA ALA B 324 47.11 8.99 -19.97
C ALA B 324 48.26 9.66 -19.24
N MET B 325 48.20 10.99 -19.11
CA MET B 325 49.27 11.73 -18.44
C MET B 325 49.34 11.30 -16.98
N VAL B 326 48.16 11.13 -16.37
CA VAL B 326 48.04 10.81 -14.94
C VAL B 326 48.63 9.45 -14.58
N LEU B 327 48.49 8.50 -15.50
CA LEU B 327 49.03 7.17 -15.29
C LEU B 327 50.55 7.20 -15.34
N LYS B 328 51.10 7.91 -16.33
CA LYS B 328 52.57 8.00 -16.51
C LYS B 328 53.23 8.69 -15.34
N MET B 329 52.59 9.73 -14.84
CA MET B 329 53.06 10.43 -13.67
C MET B 329 53.07 9.48 -12.49
N PHE B 330 51.91 8.87 -12.22
CA PHE B 330 51.78 7.90 -11.12
C PHE B 330 52.87 6.84 -11.17
N LEU B 331 53.18 6.35 -12.37
CA LEU B 331 54.21 5.33 -12.52
C LEU B 331 55.62 5.88 -12.28
N LYS B 332 55.87 7.11 -12.73
CA LYS B 332 57.18 7.73 -12.55
C LYS B 332 57.44 8.08 -11.08
N VAL B 333 56.39 8.47 -10.37
CA VAL B 333 56.48 8.74 -8.94
C VAL B 333 56.92 7.46 -8.23
N LEU B 334 56.34 6.34 -8.66
CA LEU B 334 56.65 5.06 -8.05
C LEU B 334 58.13 4.70 -8.23
N GLU B 335 58.65 4.89 -9.44
CA GLU B 335 60.05 4.54 -9.77
C GLU B 335 61.08 5.37 -9.02
N ASN B 336 60.81 6.66 -8.88
CA ASN B 336 61.64 7.60 -8.12
C ASN B 336 61.44 7.41 -6.63
N GLY B 337 60.57 6.45 -6.30
CA GLY B 337 60.15 6.27 -4.93
C GLY B 337 61.23 5.75 -4.03
N ASN B 338 61.08 6.07 -2.74
CA ASN B 338 61.71 5.29 -1.71
C ASN B 338 61.32 3.82 -1.93
N PHE B 339 62.07 2.91 -1.34
CA PHE B 339 61.88 1.47 -1.50
C PHE B 339 60.49 0.89 -1.63
N ASN B 340 59.55 1.34 -0.80
CA ASN B 340 58.20 0.77 -0.83
C ASN B 340 57.47 1.05 -2.13
N LEU B 341 57.57 2.29 -2.60
CA LEU B 341 56.98 2.67 -3.87
C LEU B 341 57.52 1.79 -4.97
N ARG B 342 58.85 1.71 -5.07
CA ARG B 342 59.52 0.85 -6.05
C ARG B 342 58.97 -0.57 -6.00
N GLY B 343 58.67 -1.04 -4.79
CA GLY B 343 58.14 -2.37 -4.56
C GLY B 343 56.75 -2.51 -5.14
N ILE B 344 55.90 -1.53 -4.87
CA ILE B 344 54.56 -1.49 -5.45
C ILE B 344 54.68 -1.50 -6.98
N PHE B 345 55.53 -0.62 -7.50
CA PHE B 345 55.74 -0.50 -8.94
C PHE B 345 56.15 -1.83 -9.53
N TYR B 346 57.15 -2.48 -8.93
CA TYR B 346 57.63 -3.72 -9.50
C TYR B 346 56.48 -4.71 -9.53
N ASN B 347 55.67 -4.73 -8.47
CA ASN B 347 54.49 -5.58 -8.41
C ASN B 347 53.47 -5.34 -9.51
N LEU B 348 53.23 -4.08 -9.83
CA LEU B 348 52.32 -3.74 -10.91
C LEU B 348 52.81 -4.31 -12.25
N ARG B 349 54.11 -4.18 -12.49
CA ARG B 349 54.74 -4.72 -13.69
C ARG B 349 54.56 -6.23 -13.75
N LYS B 350 54.86 -6.91 -12.66
CA LYS B 350 54.70 -8.37 -12.58
C LYS B 350 53.30 -8.73 -13.00
N GLN B 351 52.32 -8.04 -12.43
CA GLN B 351 50.91 -8.30 -12.70
C GLN B 351 50.63 -8.21 -14.19
N ARG B 352 51.05 -7.11 -14.81
CA ARG B 352 50.76 -6.91 -16.24
C ARG B 352 51.40 -7.98 -17.09
N ARG B 353 52.70 -8.18 -16.93
CA ARG B 353 53.41 -9.21 -17.70
C ARG B 353 52.59 -10.47 -17.65
N PHE B 354 52.20 -10.84 -16.43
CA PHE B 354 51.38 -12.01 -16.21
C PHE B 354 50.09 -11.95 -17.01
N ILE B 355 49.35 -10.85 -16.89
CA ILE B 355 48.04 -10.73 -17.55
C ILE B 355 48.15 -10.95 -19.04
N ASP B 356 49.21 -10.41 -19.63
CA ASP B 356 49.40 -10.43 -21.08
C ASP B 356 49.77 -11.81 -21.61
N GLU B 357 50.52 -12.55 -20.80
CA GLU B 357 50.82 -13.94 -21.11
C GLU B 357 49.56 -14.78 -21.08
N LEU B 358 48.68 -14.50 -20.14
CA LEU B 358 47.43 -15.23 -20.03
C LEU B 358 46.47 -14.80 -21.14
N VAL B 359 46.55 -13.54 -21.54
CA VAL B 359 45.75 -13.05 -22.67
C VAL B 359 46.14 -13.83 -23.94
N LYS B 360 47.44 -13.93 -24.21
CA LYS B 360 47.95 -14.68 -25.37
C LYS B 360 47.44 -16.11 -25.35
N LEU B 361 47.66 -16.78 -24.22
CA LEU B 361 47.18 -18.15 -24.04
C LEU B 361 45.72 -18.27 -24.39
N VAL B 362 44.88 -17.39 -23.83
CA VAL B 362 43.45 -17.43 -24.13
C VAL B 362 43.18 -17.25 -25.63
N LYS B 363 43.92 -16.34 -26.26
CA LYS B 363 43.79 -16.06 -27.69
C LYS B 363 44.06 -17.31 -28.52
N LEU B 364 44.99 -18.14 -28.04
CA LEU B 364 45.36 -19.38 -28.71
C LEU B 364 44.30 -20.48 -28.49
N VAL B 365 43.64 -20.46 -27.34
CA VAL B 365 42.58 -21.45 -27.03
C VAL B 365 41.31 -21.08 -27.80
N ALA B 366 41.08 -19.77 -27.91
CA ALA B 366 39.93 -19.23 -28.65
C ALA B 366 40.05 -19.58 -30.13
N LYS B 367 41.28 -19.54 -30.64
CA LYS B 367 41.54 -19.77 -32.06
C LYS B 367 40.91 -21.07 -32.55
N GLU B 368 41.01 -22.14 -31.77
CA GLU B 368 40.53 -23.44 -32.23
C GLU B 368 39.02 -23.48 -32.53
N PRO B 369 38.66 -24.06 -33.69
CA PRO B 369 37.28 -24.34 -34.09
C PRO B 369 36.61 -25.44 -33.25
N GLY B 370 37.41 -26.36 -32.72
CA GLY B 370 36.93 -27.50 -31.93
C GLY B 370 35.94 -27.15 -30.83
N ASN B 371 35.06 -28.10 -30.51
CA ASN B 371 34.06 -27.93 -29.45
C ASN B 371 34.62 -27.52 -28.08
N ARG B 372 33.76 -26.91 -27.26
CA ARG B 372 34.12 -26.44 -25.91
C ARG B 372 34.95 -27.44 -25.08
N ASN B 373 34.48 -28.69 -25.01
CA ASN B 373 35.22 -29.77 -24.32
C ASN B 373 36.65 -29.94 -24.87
N LYS B 374 36.78 -29.85 -26.19
CA LYS B 374 38.09 -29.87 -26.84
C LYS B 374 38.88 -28.61 -26.47
N LYS B 375 38.19 -27.49 -26.25
CA LYS B 375 38.86 -26.24 -25.91
C LYS B 375 39.42 -26.23 -24.49
N THR B 376 38.69 -26.86 -23.56
CA THR B 376 39.16 -26.98 -22.17
C THR B 376 40.46 -27.78 -22.15
N GLU B 377 40.49 -28.86 -22.93
CA GLU B 377 41.65 -29.77 -23.01
C GLU B 377 42.90 -29.05 -23.56
N LYS B 378 42.69 -28.22 -24.58
CA LYS B 378 43.73 -27.38 -25.17
C LYS B 378 44.22 -26.40 -24.12
N PHE B 379 43.28 -25.77 -23.43
CA PHE B 379 43.57 -24.79 -22.40
C PHE B 379 44.48 -25.38 -21.34
N GLN B 380 44.12 -26.55 -20.82
CA GLN B 380 44.90 -27.26 -19.80
C GLN B 380 46.33 -27.51 -20.25
N LYS B 381 46.49 -27.85 -21.53
CA LYS B 381 47.80 -28.14 -22.07
C LYS B 381 48.66 -26.89 -22.19
N LEU B 382 48.05 -25.76 -22.52
CA LEU B 382 48.77 -24.50 -22.63
C LEU B 382 49.33 -24.10 -21.27
N LEU B 383 48.61 -24.45 -20.22
CA LEU B 383 48.99 -24.13 -18.85
C LEU B 383 50.14 -25.01 -18.37
N ALA B 384 50.14 -26.27 -18.79
CA ALA B 384 51.10 -27.27 -18.29
C ALA B 384 52.52 -27.16 -18.85
N GLU B 385 52.69 -26.43 -19.95
CA GLU B 385 54.01 -26.30 -20.57
C GLU B 385 54.61 -24.91 -20.38
N GLN B 386 55.75 -24.86 -19.68
CA GLN B 386 56.47 -23.62 -19.42
C GLN B 386 57.32 -23.24 -20.61
N ASP B 387 57.87 -22.02 -20.56
CA ASP B 387 58.69 -21.41 -21.64
C ASP B 387 57.89 -21.05 -22.88
N MET B 388 56.72 -21.67 -23.02
CA MET B 388 55.71 -21.25 -24.00
C MET B 388 55.49 -19.75 -23.85
N PHE B 389 55.64 -19.25 -22.62
CA PHE B 389 55.39 -17.86 -22.32
C PHE B 389 56.45 -17.28 -21.39
N LYS B 390 56.73 -15.98 -21.57
CA LYS B 390 57.70 -15.24 -20.78
C LYS B 390 57.44 -15.55 -19.31
N VAL B 391 56.16 -15.63 -18.99
CA VAL B 391 55.72 -16.13 -17.70
C VAL B 391 55.33 -17.60 -17.82
N ASN B 392 55.84 -18.41 -16.91
CA ASN B 392 55.43 -19.80 -16.82
C ASN B 392 54.30 -19.92 -15.80
N PHE B 393 53.25 -20.65 -16.18
CA PHE B 393 51.98 -20.70 -15.43
C PHE B 393 51.89 -21.76 -14.33
N THR B 394 52.62 -22.87 -14.53
CA THR B 394 52.70 -23.95 -13.53
C THR B 394 53.48 -23.52 -12.28
N ASN B 395 54.34 -22.52 -12.45
CA ASN B 395 54.90 -21.79 -11.31
C ASN B 395 55.52 -20.43 -11.70
N PHE B 396 55.29 -19.44 -10.85
CA PHE B 396 55.91 -18.14 -11.01
C PHE B 396 56.19 -17.55 -9.63
N GLU B 397 56.99 -16.48 -9.59
CA GLU B 397 57.27 -15.77 -8.34
C GLU B 397 56.01 -15.11 -7.83
N PRO B 398 55.65 -15.34 -6.54
CA PRO B 398 54.43 -14.82 -5.97
C PRO B 398 54.11 -13.39 -6.39
N ILE B 399 52.90 -13.24 -6.93
CA ILE B 399 52.34 -11.95 -7.32
C ILE B 399 51.13 -11.72 -6.43
N PRO B 400 50.89 -10.46 -6.02
CA PRO B 400 49.65 -10.15 -5.34
C PRO B 400 48.56 -10.23 -6.39
N PHE B 401 47.55 -11.05 -6.13
CA PHE B 401 46.47 -11.23 -7.09
C PHE B 401 45.94 -9.86 -7.51
N PRO B 402 45.84 -9.60 -8.84
CA PRO B 402 45.35 -8.28 -9.26
C PRO B 402 43.91 -7.99 -8.83
N LEU B 403 43.06 -9.01 -8.82
CA LEU B 403 41.65 -8.84 -8.45
C LEU B 403 41.48 -8.63 -6.95
N ASP B 404 42.26 -9.35 -6.16
CA ASP B 404 42.38 -9.09 -4.75
C ASP B 404 43.85 -8.86 -4.37
N PRO B 405 44.22 -7.60 -4.06
CA PRO B 405 45.60 -7.31 -3.76
C PRO B 405 46.24 -8.12 -2.64
N GLU B 406 45.50 -8.36 -1.56
CA GLU B 406 46.10 -8.97 -0.35
C GLU B 406 46.67 -10.36 -0.57
N ILE B 407 45.93 -11.20 -1.30
CA ILE B 407 46.34 -12.57 -1.56
C ILE B 407 47.51 -12.62 -2.54
N TYR B 408 48.50 -13.45 -2.22
CA TYR B 408 49.57 -13.73 -3.18
C TYR B 408 49.32 -15.06 -3.85
N ILE B 409 49.67 -15.15 -5.13
CA ILE B 409 49.53 -16.41 -5.86
C ILE B 409 50.88 -16.92 -6.36
N THR B 410 51.12 -18.21 -6.14
CA THR B 410 52.27 -18.90 -6.71
C THR B 410 52.03 -19.29 -8.17
N LYS B 411 50.94 -20.04 -8.41
CA LYS B 411 50.71 -20.65 -9.70
C LYS B 411 49.24 -20.95 -9.92
N ILE B 412 48.83 -21.09 -11.18
CA ILE B 412 47.55 -21.72 -11.52
C ILE B 412 47.72 -23.23 -11.45
N VAL B 413 46.68 -23.94 -11.03
CA VAL B 413 46.62 -25.39 -11.12
C VAL B 413 45.82 -25.78 -12.37
N PRO B 414 46.50 -26.44 -13.35
CA PRO B 414 45.97 -26.82 -14.67
C PRO B 414 44.91 -27.92 -14.70
N MET B 415 45.07 -28.98 -13.91
CA MET B 415 44.10 -30.06 -13.97
C MET B 415 42.69 -29.67 -13.53
N ARG B 416 42.63 -28.74 -12.58
CA ARG B 416 41.36 -28.27 -12.05
C ARG B 416 40.64 -27.27 -12.94
N THR B 417 41.36 -26.65 -13.89
CA THR B 417 40.75 -25.65 -14.77
C THR B 417 39.54 -26.18 -15.57
N SER B 418 38.44 -25.42 -15.55
CA SER B 418 37.20 -25.75 -16.27
C SER B 418 36.78 -24.58 -17.17
N LEU B 419 35.90 -24.84 -18.13
CA LEU B 419 35.47 -23.79 -19.04
C LEU B 419 33.95 -23.68 -19.10
N PHE B 420 33.48 -22.43 -19.18
CA PHE B 420 32.06 -22.09 -19.03
C PHE B 420 31.22 -22.17 -20.30
N LYS B 421 29.93 -22.39 -20.10
CA LYS B 421 28.97 -22.71 -21.16
C LYS B 421 28.69 -21.59 -22.15
N SER B 422 28.69 -20.34 -21.71
CA SER B 422 28.34 -19.21 -22.58
C SER B 422 29.16 -19.18 -23.88
N ALA B 423 28.53 -18.67 -24.93
CA ALA B 423 29.08 -18.70 -26.29
C ALA B 423 30.48 -18.11 -26.38
N LEU B 424 30.59 -16.84 -26.00
CA LEU B 424 31.85 -16.24 -25.58
C LEU B 424 32.20 -17.09 -24.37
N MET B 425 33.36 -17.74 -24.35
CA MET B 425 33.56 -18.78 -23.34
C MET B 425 34.56 -18.58 -22.20
N PRO B 426 34.05 -18.16 -21.04
CA PRO B 426 34.79 -17.77 -19.84
C PRO B 426 35.52 -18.99 -19.29
N ALA B 427 36.68 -18.76 -18.67
CA ALA B 427 37.42 -19.86 -18.05
C ALA B 427 37.43 -19.72 -16.54
N LYS B 428 37.28 -20.85 -15.84
CA LYS B 428 37.45 -20.87 -14.39
C LYS B 428 38.82 -21.42 -14.04
N LEU B 429 39.55 -20.67 -13.22
CA LEU B 429 40.91 -21.03 -12.87
C LEU B 429 41.07 -21.19 -11.36
N THR B 430 41.74 -22.27 -10.96
CA THR B 430 42.19 -22.38 -9.58
C THR B 430 43.65 -21.92 -9.54
N PHE B 431 43.92 -21.03 -8.59
CA PHE B 431 45.23 -20.48 -8.37
C PHE B 431 45.72 -21.07 -7.07
N VAL B 432 47.03 -21.11 -6.87
CA VAL B 432 47.53 -21.45 -5.54
C VAL B 432 47.96 -20.17 -4.89
N THR B 433 47.44 -19.95 -3.68
CA THR B 433 47.87 -18.86 -2.82
C THR B 433 49.29 -19.11 -2.35
N SER B 434 49.97 -18.04 -1.94
CA SER B 434 51.33 -18.15 -1.47
C SER B 434 51.37 -18.96 -0.19
N ILE B 435 50.35 -18.81 0.65
CA ILE B 435 50.40 -19.36 1.98
C ILE B 435 49.45 -20.52 2.23
N ALA B 436 49.98 -21.57 2.84
CA ALA B 436 49.22 -22.69 3.40
C ALA B 436 48.49 -23.51 2.35
N HIS B 437 48.92 -23.39 1.10
CA HIS B 437 48.24 -24.04 -0.04
C HIS B 437 46.72 -23.83 -0.10
N HIS B 438 46.25 -22.72 0.49
CA HIS B 438 44.93 -22.19 0.21
C HIS B 438 44.83 -22.14 -1.31
N GLU B 439 43.67 -22.50 -1.84
CA GLU B 439 43.44 -22.25 -3.25
C GLU B 439 42.31 -21.27 -3.42
N TYR B 440 42.47 -20.35 -4.37
CA TYR B 440 41.47 -19.36 -4.68
C TYR B 440 41.00 -19.58 -6.10
N ALA B 441 39.69 -19.55 -6.31
CA ALA B 441 39.17 -19.67 -7.66
C ALA B 441 38.79 -18.32 -8.21
N ALA B 442 39.11 -18.14 -9.49
CA ALA B 442 38.74 -16.94 -10.22
C ALA B 442 38.25 -17.31 -11.60
N ILE B 443 37.62 -16.35 -12.24
CA ILE B 443 37.20 -16.51 -13.62
C ILE B 443 37.89 -15.40 -14.37
N PHE B 444 38.36 -15.74 -15.56
CA PHE B 444 38.91 -14.75 -16.47
C PHE B 444 38.05 -14.76 -17.73
N LYS B 445 37.50 -13.60 -18.09
CA LYS B 445 36.55 -13.49 -19.20
C LYS B 445 37.11 -12.66 -20.35
N HIS B 446 37.10 -13.25 -21.55
CA HIS B 446 37.79 -12.72 -22.76
C HIS B 446 36.93 -11.82 -23.67
N GLY B 447 35.63 -11.76 -23.40
CA GLY B 447 34.68 -11.13 -24.34
C GLY B 447 34.43 -9.63 -24.25
N ASP B 448 34.02 -9.14 -23.09
CA ASP B 448 33.62 -7.74 -22.97
C ASP B 448 34.17 -7.03 -21.72
N ASP B 449 34.11 -5.70 -21.73
CA ASP B 449 34.49 -4.91 -20.57
C ASP B 449 33.44 -5.00 -19.47
N LEU B 450 33.94 -5.24 -18.26
CA LEU B 450 33.09 -5.53 -17.15
C LEU B 450 32.81 -4.29 -16.32
N ARG B 451 33.13 -3.12 -16.88
CA ARG B 451 32.93 -1.83 -16.21
C ARG B 451 31.53 -1.71 -15.64
N GLN B 452 30.55 -2.25 -16.37
CA GLN B 452 29.16 -2.30 -15.91
C GLN B 452 29.04 -3.23 -14.71
N ASP B 453 29.48 -4.47 -14.88
CA ASP B 453 29.41 -5.48 -13.82
C ASP B 453 30.11 -5.03 -12.54
N GLN B 454 31.26 -4.37 -12.68
CA GLN B 454 32.00 -3.93 -11.51
C GLN B 454 31.31 -2.79 -10.79
N LEU B 455 30.64 -1.91 -11.54
CA LEU B 455 29.92 -0.81 -10.91
C LEU B 455 28.80 -1.38 -10.05
N ILE B 456 28.05 -2.32 -10.62
CA ILE B 456 26.96 -2.92 -9.88
C ILE B 456 27.47 -3.56 -8.60
N LEU B 457 28.54 -4.33 -8.69
CA LEU B 457 29.04 -4.96 -7.49
C LEU B 457 29.48 -3.95 -6.46
N GLN B 458 30.03 -2.83 -6.91
CA GLN B 458 30.37 -1.75 -5.99
C GLN B 458 29.13 -1.26 -5.27
N MET B 459 28.07 -1.06 -6.05
CA MET B 459 26.81 -0.57 -5.51
C MET B 459 26.23 -1.55 -4.50
N ILE B 460 26.22 -2.83 -4.85
CA ILE B 460 25.80 -3.89 -3.95
C ILE B 460 26.63 -3.92 -2.66
N THR B 461 27.94 -3.82 -2.81
CA THR B 461 28.83 -3.85 -1.65
C THR B 461 28.50 -2.66 -0.76
N LEU B 462 28.31 -1.52 -1.41
CA LEU B 462 28.01 -0.30 -0.70
C LEU B 462 26.74 -0.52 0.11
N MET B 463 25.69 -0.99 -0.54
CA MET B 463 24.39 -1.11 0.08
C MET B 463 24.43 -2.10 1.21
N ASP B 464 25.06 -3.24 0.95
CA ASP B 464 25.30 -4.21 2.00
C ASP B 464 25.88 -3.52 3.26
N LYS B 465 26.98 -2.80 3.09
CA LYS B 465 27.67 -2.16 4.20
C LYS B 465 26.75 -1.24 4.96
N LEU B 466 25.93 -0.50 4.24
CA LEU B 466 24.98 0.40 4.88
C LEU B 466 23.99 -0.38 5.72
N LEU B 467 23.42 -1.42 5.11
CA LEU B 467 22.45 -2.26 5.79
C LEU B 467 23.05 -2.89 7.02
N ARG B 468 24.24 -3.44 6.89
CA ARG B 468 24.91 -4.12 7.98
C ARG B 468 25.35 -3.13 9.04
N ARG B 469 25.48 -1.87 8.65
CA ARG B 469 25.78 -0.82 9.61
C ARG B 469 24.53 -0.43 10.38
N GLU B 470 23.37 -0.58 9.74
CA GLU B 470 22.07 -0.52 10.43
C GLU B 470 21.78 -1.87 11.01
N ASN B 471 22.74 -2.76 10.82
CA ASN B 471 22.73 -4.19 11.16
C ASN B 471 21.60 -5.05 10.54
N LEU B 472 21.63 -5.05 9.21
CA LEU B 472 20.81 -5.89 8.37
C LEU B 472 21.75 -6.71 7.48
N ASP B 473 22.11 -7.89 7.97
CA ASP B 473 22.79 -8.83 7.13
C ASP B 473 21.68 -9.43 6.32
N LEU B 474 21.53 -8.99 5.08
CA LEU B 474 20.60 -9.67 4.19
C LEU B 474 21.37 -10.78 3.49
N LYS B 475 22.59 -10.99 3.98
CA LYS B 475 23.45 -12.09 3.57
C LYS B 475 23.58 -12.08 2.06
N LEU B 476 23.83 -10.88 1.54
CA LEU B 476 24.13 -10.72 0.13
C LEU B 476 25.49 -11.32 -0.11
N THR B 477 25.78 -11.67 -1.36
CA THR B 477 27.12 -12.08 -1.72
C THR B 477 27.64 -11.19 -2.85
N PRO B 478 28.42 -10.17 -2.48
CA PRO B 478 29.02 -9.26 -3.42
C PRO B 478 30.40 -9.78 -3.79
N TYR B 479 30.47 -10.61 -4.82
CA TYR B 479 31.73 -11.15 -5.22
C TYR B 479 32.54 -10.04 -5.86
N LYS B 480 33.86 -10.13 -5.74
CA LYS B 480 34.76 -9.11 -6.30
C LYS B 480 34.83 -9.21 -7.82
N VAL B 481 34.75 -8.08 -8.50
CA VAL B 481 35.03 -8.05 -9.94
C VAL B 481 36.09 -7.02 -10.26
N LEU B 482 37.02 -7.38 -11.11
CA LEU B 482 37.93 -6.39 -11.67
C LEU B 482 38.03 -6.57 -13.16
N ALA B 483 37.98 -5.48 -13.90
CA ALA B 483 38.27 -5.53 -15.32
C ALA B 483 39.73 -5.19 -15.51
N THR B 484 40.43 -6.07 -16.21
CA THR B 484 41.82 -5.83 -16.59
C THR B 484 41.87 -4.78 -17.68
N SER B 485 41.13 -5.05 -18.75
CA SER B 485 40.91 -4.09 -19.81
C SER B 485 39.49 -4.25 -20.30
N SER B 486 39.06 -3.38 -21.23
CA SER B 486 37.84 -3.67 -21.96
C SER B 486 38.09 -5.00 -22.64
N LYS B 487 37.18 -5.95 -22.43
CA LYS B 487 37.21 -7.29 -23.05
C LYS B 487 38.00 -8.40 -22.31
N HIS B 488 38.73 -8.10 -21.25
CA HIS B 488 39.17 -9.16 -20.33
C HIS B 488 38.91 -8.77 -18.88
N GLY B 489 38.43 -9.72 -18.10
CA GLY B 489 38.22 -9.42 -16.70
C GLY B 489 38.46 -10.59 -15.78
N PHE B 490 38.47 -10.30 -14.50
CA PHE B 490 38.53 -11.34 -13.52
C PHE B 490 37.34 -11.25 -12.62
N LEU B 491 36.82 -12.41 -12.25
CA LEU B 491 35.71 -12.44 -11.33
C LEU B 491 35.97 -13.41 -10.22
N GLN B 492 35.81 -12.95 -8.99
CA GLN B 492 35.78 -13.85 -7.88
C GLN B 492 34.72 -14.87 -8.18
N TYR B 493 35.09 -16.13 -8.08
CA TYR B 493 34.13 -17.19 -8.26
C TYR B 493 33.69 -17.56 -6.87
N VAL B 494 32.39 -17.75 -6.69
CA VAL B 494 31.86 -18.20 -5.41
C VAL B 494 31.04 -19.45 -5.67
N ASP B 495 31.21 -20.47 -4.82
CA ASP B 495 30.62 -21.79 -5.09
C ASP B 495 29.11 -21.72 -5.04
N SER B 496 28.50 -22.23 -6.09
CA SER B 496 27.14 -21.87 -6.39
C SER B 496 26.56 -22.91 -7.31
N CYS B 497 25.27 -23.13 -7.18
CA CYS B 497 24.54 -23.88 -8.18
C CYS B 497 23.48 -22.96 -8.74
N THR B 498 23.52 -22.75 -10.05
CA THR B 498 22.49 -21.95 -10.71
C THR B 498 21.12 -22.55 -10.45
N VAL B 499 20.10 -21.70 -10.31
CA VAL B 499 18.76 -22.17 -9.98
C VAL B 499 18.23 -23.14 -11.04
N ALA B 500 18.39 -22.79 -12.30
CA ALA B 500 17.95 -23.64 -13.39
C ALA B 500 18.55 -25.02 -13.18
N GLU B 501 19.86 -25.05 -12.92
CA GLU B 501 20.56 -26.28 -12.63
C GLU B 501 19.98 -26.97 -11.41
N VAL B 502 19.67 -26.19 -10.38
CA VAL B 502 19.14 -26.76 -9.13
C VAL B 502 17.80 -27.43 -9.39
N LEU B 503 17.02 -26.86 -10.29
CA LEU B 503 15.67 -27.36 -10.60
C LEU B 503 15.63 -28.61 -11.46
N ALA B 504 16.65 -28.79 -12.29
CA ALA B 504 16.77 -30.01 -13.07
C ALA B 504 17.30 -31.09 -12.16
N ARG B 505 18.41 -30.78 -11.48
CA ARG B 505 19.01 -31.66 -10.48
C ARG B 505 17.99 -32.06 -9.40
N GLU B 506 17.21 -31.08 -8.95
CA GLU B 506 16.09 -31.32 -8.04
C GLU B 506 14.82 -30.70 -8.53
N GLY B 507 13.74 -31.45 -8.46
CA GLY B 507 12.42 -30.93 -8.82
C GLY B 507 12.15 -29.58 -8.17
N ASN B 508 12.59 -29.42 -6.94
CA ASN B 508 12.38 -28.13 -6.28
C ASN B 508 13.54 -27.69 -5.39
N ILE B 509 13.52 -26.40 -5.07
CA ILE B 509 14.51 -25.78 -4.19
C ILE B 509 14.50 -26.35 -2.77
N HIS B 510 13.32 -26.63 -2.24
CA HIS B 510 13.23 -27.28 -0.94
C HIS B 510 14.02 -28.58 -0.87
N ASN B 511 13.88 -29.43 -1.89
CA ASN B 511 14.58 -30.70 -1.95
C ASN B 511 16.06 -30.48 -1.81
N PHE B 512 16.57 -29.56 -2.62
CA PHE B 512 17.97 -29.19 -2.63
C PHE B 512 18.46 -28.79 -1.23
N PHE B 513 17.77 -27.84 -0.62
CA PHE B 513 18.12 -27.37 0.72
C PHE B 513 18.01 -28.51 1.71
N ARG B 514 16.97 -29.32 1.55
CA ARG B 514 16.74 -30.47 2.43
C ARG B 514 17.89 -31.47 2.33
N LYS B 515 18.41 -31.65 1.12
CA LYS B 515 19.57 -32.51 0.90
C LYS B 515 20.80 -32.04 1.66
N HIS B 516 21.00 -30.73 1.78
CA HIS B 516 22.23 -30.19 2.39
C HIS B 516 22.15 -29.90 3.88
N HIS B 517 20.97 -29.56 4.40
CA HIS B 517 20.80 -29.27 5.83
C HIS B 517 19.46 -29.78 6.37
N PRO B 518 19.30 -31.09 6.52
CA PRO B 518 18.03 -31.54 7.08
C PRO B 518 17.91 -31.23 8.56
N CYS B 519 16.68 -30.99 8.99
CA CYS B 519 16.31 -31.07 10.39
C CYS B 519 14.89 -31.60 10.43
N ASP B 520 14.69 -32.71 11.12
CA ASP B 520 13.36 -33.31 11.23
C ASP B 520 12.36 -32.38 11.91
N ASN B 521 12.81 -31.66 12.92
CA ASN B 521 12.01 -30.65 13.58
C ASN B 521 12.05 -29.32 12.84
N GLY B 522 12.94 -29.23 11.85
CA GLY B 522 13.08 -28.02 11.05
C GLY B 522 11.75 -27.53 10.51
N PRO B 523 11.64 -26.21 10.24
CA PRO B 523 10.38 -25.66 9.78
C PRO B 523 9.92 -26.46 8.59
N TYR B 524 10.84 -26.68 7.65
CA TYR B 524 10.65 -27.68 6.63
C TYR B 524 11.66 -28.74 6.94
N GLY B 525 11.82 -29.73 6.06
CA GLY B 525 12.91 -30.70 6.25
C GLY B 525 14.18 -29.95 6.64
N ILE B 526 14.29 -28.71 6.12
CA ILE B 526 15.45 -27.82 6.27
C ILE B 526 15.68 -27.22 7.65
N SER B 527 16.94 -26.90 7.94
CA SER B 527 17.33 -26.15 9.12
C SER B 527 16.84 -24.72 9.01
N ALA B 528 16.43 -24.16 10.15
CA ALA B 528 15.85 -22.82 10.20
C ALA B 528 16.78 -21.70 9.75
N GLU B 529 18.08 -21.87 9.99
CA GLU B 529 19.04 -20.83 9.63
C GLU B 529 19.14 -20.71 8.12
N VAL B 530 19.24 -21.84 7.42
CA VAL B 530 19.28 -21.82 5.97
C VAL B 530 18.08 -21.08 5.39
N MET B 531 16.90 -21.38 5.92
CA MET B 531 15.65 -20.78 5.45
C MET B 531 15.62 -19.28 5.67
N ASP B 532 16.06 -18.85 6.85
CA ASP B 532 16.10 -17.44 7.18
C ASP B 532 17.05 -16.73 6.23
N THR B 533 18.26 -17.29 6.04
CA THR B 533 19.25 -16.66 5.16
C THR B 533 18.73 -16.56 3.74
N TYR B 534 18.03 -17.60 3.28
CA TYR B 534 17.50 -17.60 1.93
C TYR B 534 16.47 -16.47 1.73
N ILE B 535 15.60 -16.29 2.72
CA ILE B 535 14.60 -15.25 2.71
C ILE B 535 15.25 -13.88 2.63
N LYS B 536 16.28 -13.69 3.44
CA LYS B 536 16.93 -12.41 3.54
C LYS B 536 17.59 -12.08 2.22
N SER B 537 18.35 -13.03 1.67
CA SER B 537 19.06 -12.85 0.40
C SER B 537 18.13 -12.47 -0.73
N CYS B 538 16.98 -13.15 -0.79
CA CYS B 538 15.93 -12.78 -1.71
C CYS B 538 15.45 -11.36 -1.50
N ALA B 539 15.16 -11.03 -0.25
CA ALA B 539 14.68 -9.71 0.11
C ALA B 539 15.66 -8.66 -0.40
N GLY B 540 16.91 -8.79 0.02
CA GLY B 540 17.96 -7.86 -0.39
C GLY B 540 18.01 -7.73 -1.89
N TYR B 541 17.99 -8.87 -2.58
CA TYR B 541 18.17 -8.84 -4.01
C TYR B 541 17.03 -8.26 -4.84
N CYS B 542 15.78 -8.49 -4.43
CA CYS B 542 14.64 -7.87 -5.09
C CYS B 542 14.74 -6.37 -4.97
N VAL B 543 15.05 -5.92 -3.76
CA VAL B 543 15.12 -4.50 -3.48
C VAL B 543 16.19 -3.92 -4.38
N ILE B 544 17.40 -4.48 -4.31
CA ILE B 544 18.53 -3.94 -5.06
C ILE B 544 18.29 -3.97 -6.58
N THR B 545 17.87 -5.11 -7.09
CA THR B 545 17.47 -5.21 -8.48
C THR B 545 16.47 -4.10 -8.83
N TYR B 546 15.48 -3.86 -7.98
CA TYR B 546 14.50 -2.84 -8.28
C TYR B 546 15.12 -1.45 -8.35
N LEU B 547 15.95 -1.10 -7.37
CA LEU B 547 16.55 0.23 -7.37
C LEU B 547 17.47 0.36 -8.57
N LEU B 548 18.12 -0.75 -8.90
CA LEU B 548 19.12 -0.70 -9.94
C LEU B 548 18.57 -0.92 -11.33
N GLY B 549 17.30 -1.29 -11.43
CA GLY B 549 16.69 -1.65 -12.71
C GLY B 549 17.56 -2.66 -13.43
N VAL B 550 18.05 -3.66 -12.70
CA VAL B 550 18.79 -4.75 -13.30
C VAL B 550 17.80 -5.52 -14.11
N GLY B 551 18.21 -5.97 -15.28
CA GLY B 551 17.29 -6.66 -16.15
C GLY B 551 17.86 -7.97 -16.64
N ASP B 552 16.99 -8.77 -17.26
CA ASP B 552 17.36 -10.01 -17.92
C ASP B 552 17.38 -11.18 -16.96
N ARG B 553 16.86 -11.01 -15.74
CA ARG B 553 16.96 -12.12 -14.80
C ARG B 553 16.29 -13.36 -15.39
N HIS B 554 17.04 -14.45 -15.46
CA HIS B 554 16.49 -15.77 -15.71
C HIS B 554 17.10 -16.76 -14.71
N LEU B 555 16.62 -17.99 -14.70
CA LEU B 555 17.03 -18.93 -13.67
C LEU B 555 18.52 -19.36 -13.74
N ASP B 556 19.14 -19.13 -14.90
CA ASP B 556 20.61 -19.26 -15.08
C ASP B 556 21.36 -18.02 -14.53
N ASN B 557 20.67 -16.88 -14.49
CA ASN B 557 21.24 -15.61 -13.99
C ASN B 557 21.39 -15.58 -12.49
N LEU B 558 20.51 -16.25 -11.76
CA LEU B 558 20.57 -16.17 -10.31
C LEU B 558 20.98 -17.53 -9.79
N LEU B 559 21.98 -17.57 -8.93
CA LEU B 559 22.33 -18.85 -8.33
C LEU B 559 22.15 -18.94 -6.86
N LEU B 560 22.14 -20.19 -6.41
CA LEU B 560 21.90 -20.50 -5.04
C LEU B 560 23.08 -21.30 -4.50
N THR B 561 23.45 -21.00 -3.27
CA THR B 561 24.49 -21.74 -2.59
C THR B 561 23.84 -22.86 -1.80
N THR B 562 24.62 -23.92 -1.55
CA THR B 562 24.24 -25.00 -0.64
C THR B 562 23.78 -24.38 0.68
N ASN B 563 24.47 -23.32 1.04
CA ASN B 563 24.22 -22.53 2.23
C ASN B 563 22.83 -21.85 2.25
N GLY B 564 22.31 -21.51 1.08
CA GLY B 564 21.03 -20.84 1.05
C GLY B 564 21.05 -19.40 0.61
N LYS B 565 22.21 -18.76 0.62
CA LYS B 565 22.30 -17.37 0.20
C LYS B 565 21.89 -17.42 -1.26
N LEU B 566 21.01 -16.52 -1.68
CA LEU B 566 20.76 -16.37 -3.11
C LEU B 566 21.45 -15.11 -3.61
N PHE B 567 22.05 -15.20 -4.79
CA PHE B 567 22.59 -14.02 -5.45
C PHE B 567 22.41 -14.05 -6.96
N HIS B 568 22.37 -12.88 -7.57
CA HIS B 568 22.30 -12.77 -9.02
C HIS B 568 23.71 -12.55 -9.53
N ILE B 569 24.01 -13.09 -10.70
CA ILE B 569 25.36 -12.96 -11.21
C ILE B 569 25.50 -11.92 -12.29
N ASP B 570 24.61 -11.90 -13.28
CA ASP B 570 25.01 -11.20 -14.51
C ASP B 570 24.31 -9.90 -14.85
N PHE B 571 25.08 -8.88 -15.23
CA PHE B 571 24.49 -7.55 -15.40
C PHE B 571 24.67 -6.88 -16.75
N GLY B 572 24.22 -7.55 -17.80
CA GLY B 572 24.25 -6.98 -19.15
C GLY B 572 23.26 -5.82 -19.25
N TYR B 573 22.14 -5.96 -18.56
CA TYR B 573 21.08 -4.98 -18.66
C TYR B 573 20.75 -4.34 -17.31
N ILE B 574 20.76 -3.01 -17.32
CA ILE B 574 20.81 -2.16 -16.14
C ILE B 574 19.93 -0.94 -16.32
N LEU B 575 19.40 -0.42 -15.21
CA LEU B 575 18.55 0.77 -15.24
C LEU B 575 17.29 0.59 -16.08
N GLY B 576 16.74 -0.62 -16.02
CA GLY B 576 15.54 -0.96 -16.74
C GLY B 576 15.77 -1.38 -18.18
N ARG B 577 17.01 -1.38 -18.67
CA ARG B 577 17.25 -1.93 -20.00
C ARG B 577 16.94 -3.39 -19.91
N ASP B 578 16.15 -3.89 -20.84
CA ASP B 578 15.81 -5.31 -20.87
C ASP B 578 15.62 -5.69 -22.33
N PRO B 579 16.20 -6.84 -22.75
CA PRO B 579 15.93 -7.25 -24.13
C PRO B 579 14.42 -7.38 -24.31
N LYS B 580 13.75 -7.88 -23.28
CA LYS B 580 12.31 -8.08 -23.31
C LYS B 580 11.52 -6.79 -23.12
N PRO B 581 10.28 -6.77 -23.64
CA PRO B 581 9.49 -5.55 -23.76
C PRO B 581 8.80 -5.12 -22.46
N MET B 582 8.31 -6.08 -21.65
CA MET B 582 7.62 -5.70 -20.42
C MET B 582 8.12 -6.43 -19.18
N PRO B 583 9.27 -6.00 -18.66
CA PRO B 583 9.84 -6.67 -17.52
C PRO B 583 8.98 -6.44 -16.28
N PRO B 584 8.78 -7.48 -15.44
CA PRO B 584 8.22 -7.30 -14.12
C PRO B 584 9.03 -6.29 -13.30
N PRO B 585 8.35 -5.47 -12.50
CA PRO B 585 9.08 -4.45 -11.76
C PRO B 585 9.94 -5.11 -10.70
N MET B 586 9.44 -6.19 -10.13
CA MET B 586 10.22 -7.04 -9.25
C MET B 586 10.43 -8.36 -9.95
N LYS B 587 11.56 -9.01 -9.66
CA LYS B 587 11.89 -10.27 -10.30
C LYS B 587 11.84 -11.44 -9.35
N LEU B 588 10.75 -12.21 -9.41
CA LEU B 588 10.70 -13.47 -8.70
C LEU B 588 10.35 -14.62 -9.61
N SER B 589 11.18 -15.67 -9.60
CA SER B 589 10.80 -16.89 -10.27
C SER B 589 9.60 -17.41 -9.48
N LYS B 590 8.72 -18.14 -10.14
CA LYS B 590 7.63 -18.78 -9.43
C LYS B 590 8.22 -19.72 -8.37
N GLU B 591 9.32 -20.38 -8.74
CA GLU B 591 9.99 -21.40 -7.94
C GLU B 591 10.61 -20.84 -6.67
N MET B 592 11.04 -19.57 -6.73
CA MET B 592 11.59 -18.87 -5.59
C MET B 592 10.51 -18.62 -4.56
N VAL B 593 9.32 -18.32 -5.04
CA VAL B 593 8.17 -18.03 -4.17
C VAL B 593 7.73 -19.32 -3.48
N GLU B 594 7.76 -20.42 -4.23
CA GLU B 594 7.41 -21.73 -3.72
C GLU B 594 8.37 -22.14 -2.64
N ALA B 595 9.64 -21.75 -2.82
CA ALA B 595 10.71 -22.01 -1.87
C ALA B 595 10.43 -21.33 -0.54
N MET B 596 9.70 -20.21 -0.58
CA MET B 596 9.26 -19.53 0.62
C MET B 596 8.01 -20.18 1.23
N GLY B 597 7.42 -21.13 0.50
CA GLY B 597 6.27 -21.88 0.99
C GLY B 597 4.96 -21.30 0.53
N GLY B 598 5.03 -20.38 -0.43
CA GLY B 598 3.82 -19.78 -0.98
C GLY B 598 3.34 -18.55 -0.23
N ILE B 599 2.40 -17.83 -0.84
CA ILE B 599 1.97 -16.52 -0.34
C ILE B 599 1.26 -16.55 1.04
N SER B 600 0.51 -17.61 1.34
CA SER B 600 -0.06 -17.77 2.68
C SER B 600 1.00 -18.09 3.74
N SER B 601 2.09 -18.75 3.34
CA SER B 601 3.14 -19.15 4.28
C SER B 601 3.76 -17.95 4.96
N GLU B 602 4.13 -18.13 6.22
CA GLU B 602 4.66 -17.05 7.04
C GLU B 602 6.05 -16.59 6.61
N HIS B 603 6.89 -17.52 6.18
CA HIS B 603 8.20 -17.14 5.67
C HIS B 603 8.09 -16.10 4.57
N HIS B 604 7.09 -16.27 3.71
CA HIS B 604 6.84 -15.31 2.66
C HIS B 604 6.54 -13.94 3.24
N HIS B 605 5.75 -13.92 4.31
CA HIS B 605 5.38 -12.69 5.00
C HIS B 605 6.60 -12.00 5.61
N GLU B 606 7.44 -12.78 6.28
CA GLU B 606 8.72 -12.30 6.79
C GLU B 606 9.61 -11.74 5.68
N PHE B 607 9.65 -12.45 4.55
CA PHE B 607 10.43 -12.03 3.41
C PHE B 607 10.00 -10.65 2.96
N ARG B 608 8.67 -10.44 2.90
CA ARG B 608 8.12 -9.19 2.44
C ARG B 608 8.45 -8.09 3.42
N LYS B 609 8.29 -8.39 4.69
CA LYS B 609 8.62 -7.42 5.71
C LYS B 609 10.06 -7.02 5.51
N GLN B 610 10.92 -7.98 5.17
CA GLN B 610 12.34 -7.71 5.01
C GLN B 610 12.64 -6.75 3.87
N CYS B 611 11.95 -6.94 2.74
CA CYS B 611 12.12 -6.05 1.60
C CYS B 611 11.76 -4.63 1.97
N TYR B 612 10.64 -4.46 2.70
CA TYR B 612 10.15 -3.12 3.00
C TYR B 612 11.18 -2.36 3.80
N THR B 613 11.70 -2.99 4.85
CA THR B 613 12.66 -2.34 5.72
C THR B 613 13.97 -2.10 4.97
N ALA B 614 14.41 -3.07 4.19
CA ALA B 614 15.61 -2.91 3.38
C ALA B 614 15.44 -1.62 2.61
N TYR B 615 14.26 -1.46 2.02
CA TYR B 615 13.93 -0.31 1.21
C TYR B 615 13.95 0.98 2.01
N LEU B 616 13.35 0.94 3.19
CA LEU B 616 13.25 2.12 4.04
C LEU B 616 14.60 2.67 4.43
N HIS B 617 15.50 1.76 4.81
CA HIS B 617 16.86 2.09 5.17
C HIS B 617 17.61 2.65 4.00
N LEU B 618 17.58 1.94 2.88
CA LEU B 618 18.30 2.37 1.68
C LEU B 618 17.87 3.76 1.27
N ARG B 619 16.57 4.01 1.36
CA ARG B 619 16.05 5.33 1.10
C ARG B 619 16.82 6.33 1.96
N ARG B 620 17.07 5.98 3.21
CA ARG B 620 17.70 6.92 4.15
C ARG B 620 19.08 7.36 3.72
N HIS B 621 19.89 6.43 3.23
CA HIS B 621 21.22 6.76 2.71
C HIS B 621 21.10 6.92 1.23
N ALA B 622 20.15 7.73 0.81
CA ALA B 622 19.91 7.95 -0.60
C ALA B 622 21.12 8.61 -1.22
N ASN B 623 21.69 9.54 -0.48
CA ASN B 623 22.65 10.49 -1.00
C ASN B 623 23.91 9.87 -1.55
N VAL B 624 24.47 8.92 -0.82
CA VAL B 624 25.72 8.27 -1.19
C VAL B 624 25.61 7.65 -2.58
N MET B 625 24.53 6.93 -2.85
CA MET B 625 24.32 6.35 -4.16
C MET B 625 24.22 7.44 -5.21
N LEU B 626 23.47 8.50 -4.89
CA LEU B 626 23.16 9.53 -5.86
C LEU B 626 24.41 10.24 -6.32
N ASN B 627 25.25 10.58 -5.37
CA ASN B 627 26.52 11.22 -5.67
C ASN B 627 27.40 10.33 -6.52
N LEU B 628 27.42 9.04 -6.21
CA LEU B 628 28.23 8.11 -6.96
C LEU B 628 27.77 8.10 -8.40
N PHE B 629 26.47 8.00 -8.60
CA PHE B 629 25.95 7.95 -9.95
C PHE B 629 26.18 9.26 -10.68
N SER B 630 26.04 10.37 -9.97
CA SER B 630 26.28 11.67 -10.56
C SER B 630 27.71 11.77 -11.06
N LEU B 631 28.62 11.05 -10.41
CA LEU B 631 30.01 11.02 -10.85
C LEU B 631 30.21 10.02 -11.99
N MET B 632 29.24 9.12 -12.17
CA MET B 632 29.35 8.09 -13.20
C MET B 632 28.65 8.49 -14.49
N VAL B 633 28.28 9.75 -14.61
CA VAL B 633 27.56 10.22 -15.80
C VAL B 633 28.35 10.00 -17.07
N ASP B 634 29.65 10.29 -17.01
CA ASP B 634 30.49 10.25 -18.18
C ASP B 634 31.30 8.96 -18.21
N ALA B 635 30.78 7.94 -17.51
CA ALA B 635 31.55 6.75 -17.16
C ALA B 635 31.97 5.84 -18.30
N THR B 636 31.10 5.60 -19.28
CA THR B 636 31.38 4.71 -20.44
C THR B 636 30.79 3.29 -20.29
N VAL B 637 30.10 3.06 -19.17
CA VAL B 637 29.18 1.94 -19.06
C VAL B 637 28.19 2.11 -20.21
N PRO B 638 27.91 1.04 -20.99
CA PRO B 638 27.05 1.21 -22.16
C PRO B 638 25.67 1.77 -21.82
N ASP B 639 25.07 1.25 -20.74
CA ASP B 639 23.67 1.54 -20.37
C ASP B 639 23.43 2.98 -19.94
N ILE B 640 24.41 3.57 -19.27
CA ILE B 640 24.40 5.00 -18.94
C ILE B 640 24.49 5.79 -20.23
N ALA B 641 25.41 5.37 -21.11
CA ALA B 641 25.74 6.10 -22.33
C ALA B 641 24.57 6.46 -23.25
N LEU B 642 23.55 5.60 -23.35
CA LEU B 642 22.42 5.83 -24.25
C LEU B 642 21.57 7.03 -23.83
N GLU B 643 21.23 7.10 -22.55
CA GLU B 643 20.65 8.31 -21.96
C GLU B 643 21.40 8.65 -20.66
N PRO B 644 22.66 9.12 -20.79
CA PRO B 644 23.60 9.29 -19.67
C PRO B 644 23.09 10.28 -18.65
N ASP B 645 22.57 11.41 -19.12
CA ASP B 645 21.96 12.40 -18.25
C ASP B 645 20.78 11.83 -17.44
N LYS B 646 20.01 10.96 -18.08
CA LYS B 646 18.77 10.43 -17.48
C LYS B 646 18.96 9.30 -16.47
N ALA B 647 20.11 8.64 -16.51
CA ALA B 647 20.41 7.48 -15.67
C ALA B 647 20.19 7.72 -14.18
N VAL B 648 20.83 8.75 -13.64
CA VAL B 648 20.70 9.12 -12.24
C VAL B 648 19.23 9.31 -11.87
N LYS B 649 18.50 10.00 -12.73
CA LYS B 649 17.07 10.22 -12.56
C LYS B 649 16.29 8.91 -12.42
N LYS B 650 16.73 7.87 -13.13
CA LYS B 650 16.06 6.56 -13.12
C LYS B 650 16.19 5.91 -11.76
N VAL B 651 17.38 5.95 -11.16
CA VAL B 651 17.57 5.41 -9.82
C VAL B 651 16.76 6.23 -8.83
N GLU B 652 16.69 7.54 -9.07
CA GLU B 652 16.00 8.44 -8.15
C GLU B 652 14.50 8.16 -8.13
N GLU B 653 13.94 7.84 -9.30
CA GLU B 653 12.53 7.45 -9.38
C GLU B 653 12.31 6.19 -8.57
N ASN B 654 13.24 5.24 -8.69
CA ASN B 654 13.12 3.98 -7.96
C ASN B 654 13.12 4.20 -6.48
N LEU B 655 13.78 5.26 -6.04
CA LEU B 655 13.90 5.54 -4.63
C LEU B 655 12.66 6.19 -4.04
N GLN B 656 11.85 6.83 -4.88
CA GLN B 656 10.57 7.38 -4.44
C GLN B 656 10.77 8.23 -3.19
N LEU B 657 11.71 9.15 -3.30
CA LEU B 657 12.12 9.99 -2.17
C LEU B 657 10.99 10.89 -1.73
N GLY B 658 10.15 11.28 -2.70
CA GLY B 658 8.97 12.10 -2.43
C GLY B 658 7.99 11.48 -1.46
N LEU B 659 7.94 10.14 -1.43
CA LEU B 659 7.00 9.47 -0.57
C LEU B 659 7.42 9.57 0.87
N THR B 660 6.45 9.78 1.74
CA THR B 660 6.60 9.50 3.16
C THR B 660 6.78 7.98 3.34
N ASP B 661 7.36 7.58 4.46
CA ASP B 661 7.71 6.19 4.68
C ASP B 661 6.56 5.19 4.51
N GLU B 662 5.39 5.52 5.06
CA GLU B 662 4.22 4.66 4.95
C GLU B 662 3.87 4.47 3.49
N GLU B 663 3.97 5.57 2.74
CA GLU B 663 3.60 5.61 1.33
C GLU B 663 4.57 4.85 0.48
N ALA B 664 5.85 5.05 0.75
CA ALA B 664 6.91 4.31 0.09
C ALA B 664 6.62 2.82 0.13
N VAL B 665 6.46 2.30 1.35
CA VAL B 665 6.18 0.89 1.56
C VAL B 665 4.99 0.50 0.71
N GLN B 666 3.95 1.31 0.71
CA GLN B 666 2.74 1.00 -0.03
C GLN B 666 3.10 0.77 -1.48
N HIS B 667 3.91 1.69 -1.99
CA HIS B 667 4.29 1.67 -3.39
C HIS B 667 5.05 0.41 -3.69
N LEU B 668 5.97 0.05 -2.80
CA LEU B 668 6.79 -1.14 -2.99
C LEU B 668 5.92 -2.38 -2.91
N GLN B 669 4.92 -2.32 -2.04
CA GLN B 669 4.00 -3.41 -1.87
C GLN B 669 3.28 -3.68 -3.18
N SER B 670 2.81 -2.60 -3.81
CA SER B 670 2.16 -2.73 -5.11
C SER B 670 3.06 -3.51 -6.09
N LEU B 671 4.34 -3.14 -6.14
CA LEU B 671 5.30 -3.76 -7.07
C LEU B 671 5.50 -5.23 -6.79
N LEU B 672 5.64 -5.57 -5.51
CA LEU B 672 5.73 -6.97 -5.11
C LEU B 672 4.52 -7.72 -5.63
N ASP B 673 3.34 -7.18 -5.32
CA ASP B 673 2.09 -7.82 -5.64
C ASP B 673 2.01 -8.17 -7.11
N VAL B 674 2.21 -7.19 -7.99
CA VAL B 674 2.08 -7.48 -9.41
C VAL B 674 3.02 -8.60 -9.81
N SER B 675 4.25 -8.50 -9.34
CA SER B 675 5.28 -9.43 -9.77
C SER B 675 4.88 -10.84 -9.37
N ILE B 676 4.42 -11.01 -8.13
CA ILE B 676 4.04 -12.31 -7.59
C ILE B 676 2.77 -12.88 -8.24
N THR B 677 1.74 -12.05 -8.38
CA THR B 677 0.52 -12.52 -9.04
C THR B 677 0.83 -13.06 -10.43
N ALA B 678 1.63 -12.33 -11.22
CA ALA B 678 2.00 -12.76 -12.56
C ALA B 678 2.63 -14.14 -12.48
N VAL B 679 3.50 -14.30 -11.51
CA VAL B 679 4.24 -15.52 -11.31
C VAL B 679 3.41 -16.72 -10.85
N MET B 680 2.36 -16.46 -10.09
CA MET B 680 1.50 -17.54 -9.60
C MET B 680 0.27 -17.72 -10.50
N PRO B 681 0.05 -18.95 -10.96
CA PRO B 681 -1.05 -19.27 -11.86
C PRO B 681 -2.42 -19.29 -11.15
N ALA B 682 -2.42 -19.56 -9.84
CA ALA B 682 -3.61 -19.52 -9.00
C ALA B 682 -4.12 -18.09 -8.78
N LEU B 683 -3.19 -17.14 -8.64
CA LEU B 683 -3.54 -15.73 -8.45
C LEU B 683 -4.04 -15.09 -9.73
N VAL B 684 -3.54 -15.55 -10.87
CA VAL B 684 -4.05 -15.11 -12.17
C VAL B 684 -5.49 -15.61 -12.36
N GLU B 685 -5.76 -16.84 -11.90
CA GLU B 685 -7.09 -17.43 -12.02
C GLU B 685 -8.09 -16.61 -11.26
N GLN B 686 -7.70 -16.22 -10.04
CA GLN B 686 -8.53 -15.38 -9.23
C GLN B 686 -8.84 -14.09 -9.98
N ILE B 687 -7.82 -13.45 -10.53
CA ILE B 687 -8.03 -12.22 -11.28
C ILE B 687 -9.02 -12.48 -12.39
N HIS B 688 -8.89 -13.65 -13.01
CA HIS B 688 -9.66 -14.02 -14.17
C HIS B 688 -11.14 -14.09 -13.82
N ARG B 689 -11.45 -14.72 -12.68
CA ARG B 689 -12.83 -14.80 -12.22
C ARG B 689 -13.37 -13.41 -11.90
N PHE B 690 -12.52 -12.54 -11.38
CA PHE B 690 -12.94 -11.20 -11.01
C PHE B 690 -13.37 -10.40 -12.25
N THR B 691 -12.56 -10.49 -13.31
CA THR B 691 -12.83 -9.81 -14.57
C THR B 691 -14.18 -10.30 -15.08
N GLN B 692 -14.47 -11.56 -14.79
CA GLN B 692 -15.70 -12.20 -15.19
C GLN B 692 -16.91 -11.55 -14.54
N TYR B 693 -16.74 -11.01 -13.34
CA TYR B 693 -17.84 -10.44 -12.58
C TYR B 693 -18.60 -9.32 -13.30
N TRP B 694 -17.88 -8.36 -13.86
CA TRP B 694 -18.51 -7.20 -14.50
C TRP B 694 -19.09 -7.50 -15.87
N ARG B 695 -18.47 -8.45 -16.56
CA ARG B 695 -19.00 -8.93 -17.82
C ARG B 695 -20.25 -9.78 -17.56
N LYS B 696 -21.16 -9.79 -18.54
CA LYS B 696 -22.46 -10.51 -18.49
C LYS B 696 -23.54 -9.70 -19.21
#